data_1PDC
# 
_entry.id   1PDC 
# 
_audit_conform.dict_name       mmcif_pdbx.dic 
_audit_conform.dict_version    5.397 
_audit_conform.dict_location   http://mmcif.pdb.org/dictionaries/ascii/mmcif_pdbx.dic 
# 
loop_
_database_2.database_id 
_database_2.database_code 
_database_2.pdbx_database_accession 
_database_2.pdbx_DOI 
PDB   1PDC         pdb_00001pdc 10.2210/pdb1pdc/pdb 
WWPDB D_1000175613 ?            ?                   
# 
loop_
_pdbx_audit_revision_history.ordinal 
_pdbx_audit_revision_history.data_content_type 
_pdbx_audit_revision_history.major_revision 
_pdbx_audit_revision_history.minor_revision 
_pdbx_audit_revision_history.revision_date 
1 'Structure model' 1 0 1994-01-31 
2 'Structure model' 1 1 2008-03-03 
3 'Structure model' 1 2 2011-07-13 
4 'Structure model' 1 3 2017-11-29 
5 'Structure model' 1 4 2024-10-23 
# 
_pdbx_audit_revision_details.ordinal             1 
_pdbx_audit_revision_details.revision_ordinal    1 
_pdbx_audit_revision_details.data_content_type   'Structure model' 
_pdbx_audit_revision_details.provider            repository 
_pdbx_audit_revision_details.type                'Initial release' 
_pdbx_audit_revision_details.description         ? 
_pdbx_audit_revision_details.details             ? 
# 
loop_
_pdbx_audit_revision_group.ordinal 
_pdbx_audit_revision_group.revision_ordinal 
_pdbx_audit_revision_group.data_content_type 
_pdbx_audit_revision_group.group 
1 2 'Structure model' 'Version format compliance' 
2 3 'Structure model' 'Version format compliance' 
3 4 'Structure model' 'Derived calculations'      
4 4 'Structure model' Other                       
5 5 'Structure model' 'Data collection'           
6 5 'Structure model' 'Database references'       
7 5 'Structure model' 'Structure summary'         
# 
loop_
_pdbx_audit_revision_category.ordinal 
_pdbx_audit_revision_category.revision_ordinal 
_pdbx_audit_revision_category.data_content_type 
_pdbx_audit_revision_category.category 
1  4 'Structure model' pdbx_database_status      
2  4 'Structure model' pdbx_struct_assembly      
3  4 'Structure model' pdbx_struct_oper_list     
4  4 'Structure model' struct_conf               
5  4 'Structure model' struct_conf_type          
6  5 'Structure model' chem_comp_atom            
7  5 'Structure model' chem_comp_bond            
8  5 'Structure model' database_2                
9  5 'Structure model' pdbx_entry_details        
10 5 'Structure model' pdbx_modification_feature 
# 
loop_
_pdbx_audit_revision_item.ordinal 
_pdbx_audit_revision_item.revision_ordinal 
_pdbx_audit_revision_item.data_content_type 
_pdbx_audit_revision_item.item 
1 4 'Structure model' '_pdbx_database_status.process_site'  
2 5 'Structure model' '_database_2.pdbx_DOI'                
3 5 'Structure model' '_database_2.pdbx_database_accession' 
# 
_pdbx_database_status.status_code                     REL 
_pdbx_database_status.entry_id                        1PDC 
_pdbx_database_status.recvd_initial_deposition_date   1991-10-10 
_pdbx_database_status.deposit_site                    ? 
_pdbx_database_status.process_site                    BNL 
_pdbx_database_status.status_code_sf                  ? 
_pdbx_database_status.status_code_mr                  REL 
_pdbx_database_status.SG_entry                        ? 
_pdbx_database_status.pdb_format_compatible           Y 
_pdbx_database_status.status_code_cs                  ? 
_pdbx_database_status.methods_development_category    ? 
_pdbx_database_status.status_code_nmr_data            ? 
# 
loop_
_audit_author.name 
_audit_author.pdbx_ordinal 
'Llinas, M.'        1 
'Constantine, K.L.' 2 
'Patthy, L.'        3 
# 
loop_
_citation.id 
_citation.title 
_citation.journal_abbrev 
_citation.journal_volume 
_citation.page_first 
_citation.page_last 
_citation.year 
_citation.journal_id_ASTM 
_citation.country 
_citation.journal_id_ISSN 
_citation.journal_id_CSD 
_citation.book_publisher 
_citation.pdbx_database_id_PubMed 
_citation.pdbx_database_id_DOI 
primary 'Refined solution structure and ligand-binding properties of PDC-109 domain b. A collagen-binding type II domain.'      
J.Mol.Biol.    223 281  298 1992 JMOBAK UK 0022-2836 0070 ? 1731074 '10.1016/0022-2836(92)90731-X' 
1       'Sequence-Specific 1H NMR Assignments and Structural Characterization of Bovine Seminal Fluid Protein Pdc-109 Domain B' 
Biochemistry   30  1663 ?   1991 BICHAW US 0006-2960 0033 ? ?       ?                              
2       'The Collagen-Binding Site of Type-II Units of Bovine Seminal Fluid Protein Pdc-109 and Fibronectin'                    
Eur.J.Biochem. 193 801  ?   1990 EJBCAI IX 0014-2956 0262 ? ?       ?                              
# 
loop_
_citation_author.citation_id 
_citation_author.name 
_citation_author.ordinal 
_citation_author.identifier_ORCID 
primary 'Constantine, K.L.' 1  ? 
primary 'Madrid, M.'        2  ? 
primary 'Banyai, L.'        3  ? 
primary 'Trexler, M.'       4  ? 
primary 'Patthy, L.'        5  ? 
primary 'Llinas, M.'        6  ? 
1       'Constantine, K.L.' 7  ? 
1       'Ramesh, V.'        8  ? 
1       'Banyai, L.'        9  ? 
1       'Trexler, M.'       10 ? 
1       'Patthy, L.'        11 ? 
1       'Llinas, M.'        12 ? 
2       'Banyai, L.'        13 ? 
2       'Trexler, M.'       14 ? 
2       'Koncz, S.'         15 ? 
2       'Gyenes, M.'        16 ? 
2       'Sipos, G.'         17 ? 
2       'Patthy, L.'        18 ? 
# 
_entity.id                         1 
_entity.type                       polymer 
_entity.src_method                 man 
_entity.pdbx_description           'SEMINAL FLUID PROTEIN PDC-109' 
_entity.formula_weight             5379.239 
_entity.pdbx_number_of_molecules   1 
_entity.pdbx_ec                    ? 
_entity.pdbx_mutation              ? 
_entity.pdbx_fragment              ? 
_entity.details                    ? 
# 
_entity_poly.entity_id                      1 
_entity_poly.type                           'polypeptide(L)' 
_entity_poly.nstd_linkage                   no 
_entity_poly.nstd_monomer                   no 
_entity_poly.pdbx_seq_one_letter_code       DYAKCVFPFIYGGKKYETCTKIGSMWMSWCSLSPNYDKDRAWKYC 
_entity_poly.pdbx_seq_one_letter_code_can   DYAKCVFPFIYGGKKYETCTKIGSMWMSWCSLSPNYDKDRAWKYC 
_entity_poly.pdbx_strand_id                 A 
_entity_poly.pdbx_target_identifier         ? 
# 
loop_
_entity_poly_seq.entity_id 
_entity_poly_seq.num 
_entity_poly_seq.mon_id 
_entity_poly_seq.hetero 
1 1  ASP n 
1 2  TYR n 
1 3  ALA n 
1 4  LYS n 
1 5  CYS n 
1 6  VAL n 
1 7  PHE n 
1 8  PRO n 
1 9  PHE n 
1 10 ILE n 
1 11 TYR n 
1 12 GLY n 
1 13 GLY n 
1 14 LYS n 
1 15 LYS n 
1 16 TYR n 
1 17 GLU n 
1 18 THR n 
1 19 CYS n 
1 20 THR n 
1 21 LYS n 
1 22 ILE n 
1 23 GLY n 
1 24 SER n 
1 25 MET n 
1 26 TRP n 
1 27 MET n 
1 28 SER n 
1 29 TRP n 
1 30 CYS n 
1 31 SER n 
1 32 LEU n 
1 33 SER n 
1 34 PRO n 
1 35 ASN n 
1 36 TYR n 
1 37 ASP n 
1 38 LYS n 
1 39 ASP n 
1 40 ARG n 
1 41 ALA n 
1 42 TRP n 
1 43 LYS n 
1 44 TYR n 
1 45 CYS n 
# 
_entity_src_gen.entity_id                          1 
_entity_src_gen.pdbx_src_id                        1 
_entity_src_gen.pdbx_alt_source_flag               sample 
_entity_src_gen.pdbx_seq_type                      ? 
_entity_src_gen.pdbx_beg_seq_num                   ? 
_entity_src_gen.pdbx_end_seq_num                   ? 
_entity_src_gen.gene_src_common_name               cattle 
_entity_src_gen.gene_src_genus                     Bos 
_entity_src_gen.pdbx_gene_src_gene                 ? 
_entity_src_gen.gene_src_species                   ? 
_entity_src_gen.gene_src_strain                    ? 
_entity_src_gen.gene_src_tissue                    ? 
_entity_src_gen.gene_src_tissue_fraction           ? 
_entity_src_gen.gene_src_details                   ? 
_entity_src_gen.pdbx_gene_src_fragment             ? 
_entity_src_gen.pdbx_gene_src_scientific_name      'Bos taurus' 
_entity_src_gen.pdbx_gene_src_ncbi_taxonomy_id     9913 
_entity_src_gen.pdbx_gene_src_variant              ? 
_entity_src_gen.pdbx_gene_src_cell_line            ? 
_entity_src_gen.pdbx_gene_src_atcc                 ? 
_entity_src_gen.pdbx_gene_src_organ                ? 
_entity_src_gen.pdbx_gene_src_organelle            ? 
_entity_src_gen.pdbx_gene_src_cell                 ? 
_entity_src_gen.pdbx_gene_src_cellular_location    ? 
_entity_src_gen.host_org_common_name               ? 
_entity_src_gen.pdbx_host_org_scientific_name      ? 
_entity_src_gen.pdbx_host_org_ncbi_taxonomy_id     ? 
_entity_src_gen.host_org_genus                     ? 
_entity_src_gen.pdbx_host_org_gene                 ? 
_entity_src_gen.pdbx_host_org_organ                ? 
_entity_src_gen.host_org_species                   ? 
_entity_src_gen.pdbx_host_org_tissue               ? 
_entity_src_gen.pdbx_host_org_tissue_fraction      ? 
_entity_src_gen.pdbx_host_org_strain               ? 
_entity_src_gen.pdbx_host_org_variant              ? 
_entity_src_gen.pdbx_host_org_cell_line            ? 
_entity_src_gen.pdbx_host_org_atcc                 ? 
_entity_src_gen.pdbx_host_org_culture_collection   ? 
_entity_src_gen.pdbx_host_org_cell                 ? 
_entity_src_gen.pdbx_host_org_organelle            ? 
_entity_src_gen.pdbx_host_org_cellular_location    ? 
_entity_src_gen.pdbx_host_org_vector_type          ? 
_entity_src_gen.pdbx_host_org_vector               ? 
_entity_src_gen.host_org_details                   ? 
_entity_src_gen.expression_system_id               ? 
_entity_src_gen.plasmid_name                       ? 
_entity_src_gen.plasmid_details                    ? 
_entity_src_gen.pdbx_description                   ? 
# 
loop_
_chem_comp.id 
_chem_comp.type 
_chem_comp.mon_nstd_flag 
_chem_comp.name 
_chem_comp.pdbx_synonyms 
_chem_comp.formula 
_chem_comp.formula_weight 
ALA 'L-peptide linking' y ALANINE         ? 'C3 H7 N O2'     89.093  
ARG 'L-peptide linking' y ARGININE        ? 'C6 H15 N4 O2 1' 175.209 
ASN 'L-peptide linking' y ASPARAGINE      ? 'C4 H8 N2 O3'    132.118 
ASP 'L-peptide linking' y 'ASPARTIC ACID' ? 'C4 H7 N O4'     133.103 
CYS 'L-peptide linking' y CYSTEINE        ? 'C3 H7 N O2 S'   121.158 
GLU 'L-peptide linking' y 'GLUTAMIC ACID' ? 'C5 H9 N O4'     147.129 
GLY 'peptide linking'   y GLYCINE         ? 'C2 H5 N O2'     75.067  
ILE 'L-peptide linking' y ISOLEUCINE      ? 'C6 H13 N O2'    131.173 
LEU 'L-peptide linking' y LEUCINE         ? 'C6 H13 N O2'    131.173 
LYS 'L-peptide linking' y LYSINE          ? 'C6 H15 N2 O2 1' 147.195 
MET 'L-peptide linking' y METHIONINE      ? 'C5 H11 N O2 S'  149.211 
PHE 'L-peptide linking' y PHENYLALANINE   ? 'C9 H11 N O2'    165.189 
PRO 'L-peptide linking' y PROLINE         ? 'C5 H9 N O2'     115.130 
SER 'L-peptide linking' y SERINE          ? 'C3 H7 N O3'     105.093 
THR 'L-peptide linking' y THREONINE       ? 'C4 H9 N O3'     119.119 
TRP 'L-peptide linking' y TRYPTOPHAN      ? 'C11 H12 N2 O2'  204.225 
TYR 'L-peptide linking' y TYROSINE        ? 'C9 H11 N O3'    181.189 
VAL 'L-peptide linking' y VALINE          ? 'C5 H11 N O2'    117.146 
# 
loop_
_pdbx_poly_seq_scheme.asym_id 
_pdbx_poly_seq_scheme.entity_id 
_pdbx_poly_seq_scheme.seq_id 
_pdbx_poly_seq_scheme.mon_id 
_pdbx_poly_seq_scheme.ndb_seq_num 
_pdbx_poly_seq_scheme.pdb_seq_num 
_pdbx_poly_seq_scheme.auth_seq_num 
_pdbx_poly_seq_scheme.pdb_mon_id 
_pdbx_poly_seq_scheme.auth_mon_id 
_pdbx_poly_seq_scheme.pdb_strand_id 
_pdbx_poly_seq_scheme.pdb_ins_code 
_pdbx_poly_seq_scheme.hetero 
A 1 1  ASP 1  -4 -4 ASP ASP A . n 
A 1 2  TYR 2  -3 -3 TYR TYR A . n 
A 1 3  ALA 3  -2 -2 ALA ALA A . n 
A 1 4  LYS 4  -1 -1 LYS LYS A . n 
A 1 5  CYS 5  1  1  CYS CYS A . n 
A 1 6  VAL 6  2  2  VAL VAL A . n 
A 1 7  PHE 7  3  3  PHE PHE A . n 
A 1 8  PRO 8  4  4  PRO PRO A . n 
A 1 9  PHE 9  5  5  PHE PHE A . n 
A 1 10 ILE 10 6  6  ILE ILE A . n 
A 1 11 TYR 11 7  7  TYR TYR A . n 
A 1 12 GLY 12 8  8  GLY GLY A . n 
A 1 13 GLY 13 9  9  GLY GLY A . n 
A 1 14 LYS 14 10 10 LYS LYS A . n 
A 1 15 LYS 15 11 11 LYS LYS A . n 
A 1 16 TYR 16 12 12 TYR TYR A . n 
A 1 17 GLU 17 13 13 GLU GLU A . n 
A 1 18 THR 18 14 14 THR THR A . n 
A 1 19 CYS 19 15 15 CYS CYS A . n 
A 1 20 THR 20 16 16 THR THR A . n 
A 1 21 LYS 21 17 17 LYS LYS A . n 
A 1 22 ILE 22 18 18 ILE ILE A . n 
A 1 23 GLY 23 19 19 GLY GLY A . n 
A 1 24 SER 24 20 20 SER SER A . n 
A 1 25 MET 25 21 21 MET MET A . n 
A 1 26 TRP 26 23 23 TRP TRP A . n 
A 1 27 MET 27 24 24 MET MET A . n 
A 1 28 SER 28 25 25 SER SER A . n 
A 1 29 TRP 29 26 26 TRP TRP A . n 
A 1 30 CYS 30 27 27 CYS CYS A . n 
A 1 31 SER 31 28 28 SER SER A . n 
A 1 32 LEU 32 29 29 LEU LEU A . n 
A 1 33 SER 33 30 30 SER SER A . n 
A 1 34 PRO 34 31 31 PRO PRO A . n 
A 1 35 ASN 35 32 32 ASN ASN A . n 
A 1 36 TYR 36 33 33 TYR TYR A . n 
A 1 37 ASP 37 34 34 ASP ASP A . n 
A 1 38 LYS 38 35 35 LYS LYS A . n 
A 1 39 ASP 39 36 36 ASP ASP A . n 
A 1 40 ARG 40 37 37 ARG ARG A . n 
A 1 41 ALA 41 38 38 ALA ALA A . n 
A 1 42 TRP 42 39 39 TRP TRP A . n 
A 1 43 LYS 43 40 40 LYS LYS A . n 
A 1 44 TYR 44 41 41 TYR TYR A . n 
A 1 45 CYS 45 42 42 CYS CYS A . n 
# 
loop_
_software.name 
_software.classification 
_software.version 
_software.citation_id 
_software.pdbx_ordinal 
X-PLOR 'model building' . ? 1 
X-PLOR refinement       . ? 2 
X-PLOR phasing          . ? 3 
# 
_cell.entry_id           1PDC 
_cell.length_a           1.000 
_cell.length_b           1.000 
_cell.length_c           1.000 
_cell.angle_alpha        90.00 
_cell.angle_beta         90.00 
_cell.angle_gamma        90.00 
_cell.Z_PDB              1 
_cell.pdbx_unique_axis   ? 
# 
_symmetry.entry_id                         1PDC 
_symmetry.space_group_name_H-M             'P 1' 
_symmetry.pdbx_full_space_group_name_H-M   ? 
_symmetry.cell_setting                     ? 
_symmetry.Int_Tables_number                1 
# 
_exptl.entry_id          1PDC 
_exptl.method            'SOLUTION NMR' 
_exptl.crystals_number   ? 
# 
_struct.entry_id                  1PDC 
_struct.title                     
'REFINED SOLUTION STRUCTURE AND LIGAND-BINDING PROPERTIES OF PDC-109 DOMAIN B. A COLLAGEN-BINDING TYPE II DOMAIN' 
_struct.pdbx_model_details        ? 
_struct.pdbx_CASP_flag            ? 
_struct.pdbx_model_type_details   ? 
# 
_struct_keywords.entry_id        1PDC 
_struct_keywords.pdbx_keywords   'COLLAGEN-BINDING TYPE II DOMAIN' 
_struct_keywords.text            'COLLAGEN-BINDING TYPE II DOMAIN' 
# 
_struct_asym.id                            A 
_struct_asym.pdbx_blank_PDB_chainid_flag   Y 
_struct_asym.pdbx_modified                 N 
_struct_asym.entity_id                     1 
_struct_asym.details                       ? 
# 
_struct_ref.id                         1 
_struct_ref.db_name                    UNP 
_struct_ref.db_code                    SFP1_BOVIN 
_struct_ref.entity_id                  1 
_struct_ref.pdbx_db_accession          P02784 
_struct_ref.pdbx_align_begin           1 
_struct_ref.pdbx_seq_one_letter_code   
;MALQLGLFLIWAGVSVFLQLDPVNGDQDEGVSTEPTQDGPAELPEDEECVFPFVYRNRKHFDCTVHGSLFPWCSLDADYV
GRWKYCAQRDYAKCVFPFIYGGKKYETCTKIGSMWMSWCSLSPNYDKDRAWKYC
;
_struct_ref.pdbx_db_isoform            ? 
# 
_struct_ref_seq.align_id                      1 
_struct_ref_seq.ref_id                        1 
_struct_ref_seq.pdbx_PDB_id_code              1PDC 
_struct_ref_seq.pdbx_strand_id                A 
_struct_ref_seq.seq_align_beg                 1 
_struct_ref_seq.pdbx_seq_align_beg_ins_code   ? 
_struct_ref_seq.seq_align_end                 45 
_struct_ref_seq.pdbx_seq_align_end_ins_code   ? 
_struct_ref_seq.pdbx_db_accession             P02784 
_struct_ref_seq.db_align_beg                  90 
_struct_ref_seq.pdbx_db_align_beg_ins_code    ? 
_struct_ref_seq.db_align_end                  134 
_struct_ref_seq.pdbx_db_align_end_ins_code    ? 
_struct_ref_seq.pdbx_auth_seq_align_beg       -4 
_struct_ref_seq.pdbx_auth_seq_align_end       42 
# 
_pdbx_struct_assembly.id                   1 
_pdbx_struct_assembly.details              author_defined_assembly 
_pdbx_struct_assembly.method_details       ? 
_pdbx_struct_assembly.oligomeric_details   monomeric 
_pdbx_struct_assembly.oligomeric_count     1 
# 
_pdbx_struct_assembly_gen.assembly_id       1 
_pdbx_struct_assembly_gen.oper_expression   1 
_pdbx_struct_assembly_gen.asym_id_list      A 
# 
_pdbx_struct_oper_list.id                   1 
_pdbx_struct_oper_list.type                 'identity operation' 
_pdbx_struct_oper_list.name                 1_555 
_pdbx_struct_oper_list.symmetry_operation   ? 
_pdbx_struct_oper_list.matrix[1][1]         1.0000000000 
_pdbx_struct_oper_list.matrix[1][2]         0.0000000000 
_pdbx_struct_oper_list.matrix[1][3]         0.0000000000 
_pdbx_struct_oper_list.vector[1]            0.0000000000 
_pdbx_struct_oper_list.matrix[2][1]         0.0000000000 
_pdbx_struct_oper_list.matrix[2][2]         1.0000000000 
_pdbx_struct_oper_list.matrix[2][3]         0.0000000000 
_pdbx_struct_oper_list.vector[2]            0.0000000000 
_pdbx_struct_oper_list.matrix[3][1]         0.0000000000 
_pdbx_struct_oper_list.matrix[3][2]         0.0000000000 
_pdbx_struct_oper_list.matrix[3][3]         1.0000000000 
_pdbx_struct_oper_list.vector[3]            0.0000000000 
# 
_struct_biol.id   1 
# 
_struct_conf.conf_type_id            HELX_P 
_struct_conf.id                      HELX_P1 
_struct_conf.pdbx_PDB_helix_id       1 
_struct_conf.beg_label_comp_id       TYR 
_struct_conf.beg_label_asym_id       A 
_struct_conf.beg_label_seq_id        11 
_struct_conf.pdbx_beg_PDB_ins_code   ? 
_struct_conf.end_label_comp_id       LYS 
_struct_conf.end_label_asym_id       A 
_struct_conf.end_label_seq_id        14 
_struct_conf.pdbx_end_PDB_ins_code   ? 
_struct_conf.beg_auth_comp_id        TYR 
_struct_conf.beg_auth_asym_id        A 
_struct_conf.beg_auth_seq_id         7 
_struct_conf.end_auth_comp_id        LYS 
_struct_conf.end_auth_asym_id        A 
_struct_conf.end_auth_seq_id         10 
_struct_conf.pdbx_PDB_helix_class    5 
_struct_conf.details                 ? 
_struct_conf.pdbx_PDB_helix_length   4 
# 
_struct_conf_type.id          HELX_P 
_struct_conf_type.criteria    ? 
_struct_conf_type.reference   ? 
# 
loop_
_struct_conn.id 
_struct_conn.conn_type_id 
_struct_conn.pdbx_leaving_atom_flag 
_struct_conn.pdbx_PDB_id 
_struct_conn.ptnr1_label_asym_id 
_struct_conn.ptnr1_label_comp_id 
_struct_conn.ptnr1_label_seq_id 
_struct_conn.ptnr1_label_atom_id 
_struct_conn.pdbx_ptnr1_label_alt_id 
_struct_conn.pdbx_ptnr1_PDB_ins_code 
_struct_conn.pdbx_ptnr1_standard_comp_id 
_struct_conn.ptnr1_symmetry 
_struct_conn.ptnr2_label_asym_id 
_struct_conn.ptnr2_label_comp_id 
_struct_conn.ptnr2_label_seq_id 
_struct_conn.ptnr2_label_atom_id 
_struct_conn.pdbx_ptnr2_label_alt_id 
_struct_conn.pdbx_ptnr2_PDB_ins_code 
_struct_conn.ptnr1_auth_asym_id 
_struct_conn.ptnr1_auth_comp_id 
_struct_conn.ptnr1_auth_seq_id 
_struct_conn.ptnr2_auth_asym_id 
_struct_conn.ptnr2_auth_comp_id 
_struct_conn.ptnr2_auth_seq_id 
_struct_conn.ptnr2_symmetry 
_struct_conn.pdbx_ptnr3_label_atom_id 
_struct_conn.pdbx_ptnr3_label_seq_id 
_struct_conn.pdbx_ptnr3_label_comp_id 
_struct_conn.pdbx_ptnr3_label_asym_id 
_struct_conn.pdbx_ptnr3_label_alt_id 
_struct_conn.pdbx_ptnr3_PDB_ins_code 
_struct_conn.details 
_struct_conn.pdbx_dist_value 
_struct_conn.pdbx_value_order 
_struct_conn.pdbx_role 
disulf1 disulf ? ? A CYS 5  SG ? ? ? 1_555 A CYS 30 SG ? ? A CYS 1  A CYS 27 1_555 ? ? ? ? ? ? ? 2.019 ? ? 
disulf2 disulf ? ? A CYS 19 SG ? ? ? 1_555 A CYS 45 SG ? ? A CYS 15 A CYS 42 1_555 ? ? ? ? ? ? ? 2.029 ? ? 
# 
_struct_conn_type.id          disulf 
_struct_conn_type.criteria    ? 
_struct_conn_type.reference   ? 
# 
loop_
_pdbx_modification_feature.ordinal 
_pdbx_modification_feature.label_comp_id 
_pdbx_modification_feature.label_asym_id 
_pdbx_modification_feature.label_seq_id 
_pdbx_modification_feature.label_alt_id 
_pdbx_modification_feature.modified_residue_label_comp_id 
_pdbx_modification_feature.modified_residue_label_asym_id 
_pdbx_modification_feature.modified_residue_label_seq_id 
_pdbx_modification_feature.modified_residue_label_alt_id 
_pdbx_modification_feature.auth_comp_id 
_pdbx_modification_feature.auth_asym_id 
_pdbx_modification_feature.auth_seq_id 
_pdbx_modification_feature.PDB_ins_code 
_pdbx_modification_feature.symmetry 
_pdbx_modification_feature.modified_residue_auth_comp_id 
_pdbx_modification_feature.modified_residue_auth_asym_id 
_pdbx_modification_feature.modified_residue_auth_seq_id 
_pdbx_modification_feature.modified_residue_PDB_ins_code 
_pdbx_modification_feature.modified_residue_symmetry 
_pdbx_modification_feature.comp_id_linking_atom 
_pdbx_modification_feature.modified_residue_id_linking_atom 
_pdbx_modification_feature.modified_residue_id 
_pdbx_modification_feature.ref_pcm_id 
_pdbx_modification_feature.ref_comp_id 
_pdbx_modification_feature.type 
_pdbx_modification_feature.category 
1 CYS A 5  ? CYS A 30 ? CYS A 1  ? 1_555 CYS A 27 ? 1_555 SG SG . . . None 'Disulfide bridge' 
2 CYS A 19 ? CYS A 45 ? CYS A 15 ? 1_555 CYS A 42 ? 1_555 SG SG . . . None 'Disulfide bridge' 
# 
_struct_mon_prot_cis.pdbx_id                1 
_struct_mon_prot_cis.label_comp_id          PHE 
_struct_mon_prot_cis.label_seq_id           7 
_struct_mon_prot_cis.label_asym_id          A 
_struct_mon_prot_cis.label_alt_id           . 
_struct_mon_prot_cis.pdbx_PDB_ins_code      ? 
_struct_mon_prot_cis.auth_comp_id           PHE 
_struct_mon_prot_cis.auth_seq_id            3 
_struct_mon_prot_cis.auth_asym_id           A 
_struct_mon_prot_cis.pdbx_label_comp_id_2   PRO 
_struct_mon_prot_cis.pdbx_label_seq_id_2    8 
_struct_mon_prot_cis.pdbx_label_asym_id_2   A 
_struct_mon_prot_cis.pdbx_PDB_ins_code_2    ? 
_struct_mon_prot_cis.pdbx_auth_comp_id_2    PRO 
_struct_mon_prot_cis.pdbx_auth_seq_id_2     4 
_struct_mon_prot_cis.pdbx_auth_asym_id_2    A 
_struct_mon_prot_cis.pdbx_PDB_model_num     1 
_struct_mon_prot_cis.pdbx_omega_angle       -1.70 
# 
loop_
_struct_sheet.id 
_struct_sheet.type 
_struct_sheet.number_strands 
_struct_sheet.details 
A1 ? 2 ? 
A2 ? 2 ? 
# 
loop_
_struct_sheet_order.sheet_id 
_struct_sheet_order.range_id_1 
_struct_sheet_order.range_id_2 
_struct_sheet_order.offset 
_struct_sheet_order.sense 
A1 1 2 ? anti-parallel 
A2 1 2 ? anti-parallel 
# 
loop_
_struct_sheet_range.sheet_id 
_struct_sheet_range.id 
_struct_sheet_range.beg_label_comp_id 
_struct_sheet_range.beg_label_asym_id 
_struct_sheet_range.beg_label_seq_id 
_struct_sheet_range.pdbx_beg_PDB_ins_code 
_struct_sheet_range.end_label_comp_id 
_struct_sheet_range.end_label_asym_id 
_struct_sheet_range.end_label_seq_id 
_struct_sheet_range.pdbx_end_PDB_ins_code 
_struct_sheet_range.beg_auth_comp_id 
_struct_sheet_range.beg_auth_asym_id 
_struct_sheet_range.beg_auth_seq_id 
_struct_sheet_range.end_auth_comp_id 
_struct_sheet_range.end_auth_asym_id 
_struct_sheet_range.end_auth_seq_id 
A1 1 PHE A 9  ? TYR A 11 ? PHE A 5  TYR A 7  
A1 2 LYS A 14 ? TYR A 16 ? LYS A 10 TYR A 12 
A2 1 SER A 28 ? SER A 31 ? SER A 25 SER A 28 
A2 2 TRP A 42 ? CYS A 45 ? TRP A 39 CYS A 42 
# 
loop_
_pdbx_struct_sheet_hbond.sheet_id 
_pdbx_struct_sheet_hbond.range_id_1 
_pdbx_struct_sheet_hbond.range_id_2 
_pdbx_struct_sheet_hbond.range_1_label_atom_id 
_pdbx_struct_sheet_hbond.range_1_label_comp_id 
_pdbx_struct_sheet_hbond.range_1_label_asym_id 
_pdbx_struct_sheet_hbond.range_1_label_seq_id 
_pdbx_struct_sheet_hbond.range_1_PDB_ins_code 
_pdbx_struct_sheet_hbond.range_1_auth_atom_id 
_pdbx_struct_sheet_hbond.range_1_auth_comp_id 
_pdbx_struct_sheet_hbond.range_1_auth_asym_id 
_pdbx_struct_sheet_hbond.range_1_auth_seq_id 
_pdbx_struct_sheet_hbond.range_2_label_atom_id 
_pdbx_struct_sheet_hbond.range_2_label_comp_id 
_pdbx_struct_sheet_hbond.range_2_label_asym_id 
_pdbx_struct_sheet_hbond.range_2_label_seq_id 
_pdbx_struct_sheet_hbond.range_2_PDB_ins_code 
_pdbx_struct_sheet_hbond.range_2_auth_atom_id 
_pdbx_struct_sheet_hbond.range_2_auth_comp_id 
_pdbx_struct_sheet_hbond.range_2_auth_asym_id 
_pdbx_struct_sheet_hbond.range_2_auth_seq_id 
A1 1 2 N PHE A 9  ? N PHE A 5  O TYR A 16 ? O TYR A 12 
A2 1 2 N CYS A 30 ? N CYS A 27 O LYS A 43 ? O LYS A 40 
# 
_struct_site.id                   B1 
_struct_site.pdbx_evidence_code   Unknown 
_struct_site.pdbx_auth_asym_id    ? 
_struct_site.pdbx_auth_comp_id    ? 
_struct_site.pdbx_auth_seq_id     ? 
_struct_site.pdbx_auth_ins_code   ? 
_struct_site.pdbx_num_residues    5 
_struct_site.details              ? 
# 
loop_
_struct_site_gen.id 
_struct_site_gen.site_id 
_struct_site_gen.pdbx_num_res 
_struct_site_gen.label_comp_id 
_struct_site_gen.label_asym_id 
_struct_site_gen.label_seq_id 
_struct_site_gen.pdbx_auth_ins_code 
_struct_site_gen.auth_comp_id 
_struct_site_gen.auth_asym_id 
_struct_site_gen.auth_seq_id 
_struct_site_gen.label_atom_id 
_struct_site_gen.label_alt_id 
_struct_site_gen.symmetry 
_struct_site_gen.details 
1 B1 5 TYR A 11 ? TYR A 7  . ? 1_555 ? 
2 B1 5 TRP A 29 ? TRP A 26 . ? 1_555 ? 
3 B1 5 TYR A 36 ? TYR A 33 . ? 1_555 ? 
4 B1 5 ASP A 37 ? ASP A 34 . ? 1_555 ? 
5 B1 5 TRP A 42 ? TRP A 39 . ? 1_555 ? 
# 
_pdbx_entry_details.entry_id                   1PDC 
_pdbx_entry_details.compound_details           ? 
_pdbx_entry_details.source_details             ? 
_pdbx_entry_details.nonpolymer_details         ? 
_pdbx_entry_details.sequence_details           ? 
_pdbx_entry_details.has_ligand_of_interest     ? 
_pdbx_entry_details.has_protein_modification   Y 
# 
loop_
_pdbx_validate_rmsd_bond.id 
_pdbx_validate_rmsd_bond.PDB_model_num 
_pdbx_validate_rmsd_bond.auth_atom_id_1 
_pdbx_validate_rmsd_bond.auth_asym_id_1 
_pdbx_validate_rmsd_bond.auth_comp_id_1 
_pdbx_validate_rmsd_bond.auth_seq_id_1 
_pdbx_validate_rmsd_bond.PDB_ins_code_1 
_pdbx_validate_rmsd_bond.label_alt_id_1 
_pdbx_validate_rmsd_bond.auth_atom_id_2 
_pdbx_validate_rmsd_bond.auth_asym_id_2 
_pdbx_validate_rmsd_bond.auth_comp_id_2 
_pdbx_validate_rmsd_bond.auth_seq_id_2 
_pdbx_validate_rmsd_bond.PDB_ins_code_2 
_pdbx_validate_rmsd_bond.label_alt_id_2 
_pdbx_validate_rmsd_bond.bond_value 
_pdbx_validate_rmsd_bond.bond_target_value 
_pdbx_validate_rmsd_bond.bond_deviation 
_pdbx_validate_rmsd_bond.bond_standard_deviation 
_pdbx_validate_rmsd_bond.linker_flag 
1 1 CG A TRP 23 ? ? CD2 A TRP 23 ? ? 1.322 1.432 -0.110 0.017 N 
2 1 CG A TRP 26 ? ? CD2 A TRP 26 ? ? 1.300 1.432 -0.132 0.017 N 
3 1 CG A TRP 39 ? ? CD2 A TRP 39 ? ? 1.311 1.432 -0.121 0.017 N 
# 
loop_
_pdbx_validate_rmsd_angle.id 
_pdbx_validate_rmsd_angle.PDB_model_num 
_pdbx_validate_rmsd_angle.auth_atom_id_1 
_pdbx_validate_rmsd_angle.auth_asym_id_1 
_pdbx_validate_rmsd_angle.auth_comp_id_1 
_pdbx_validate_rmsd_angle.auth_seq_id_1 
_pdbx_validate_rmsd_angle.PDB_ins_code_1 
_pdbx_validate_rmsd_angle.label_alt_id_1 
_pdbx_validate_rmsd_angle.auth_atom_id_2 
_pdbx_validate_rmsd_angle.auth_asym_id_2 
_pdbx_validate_rmsd_angle.auth_comp_id_2 
_pdbx_validate_rmsd_angle.auth_seq_id_2 
_pdbx_validate_rmsd_angle.PDB_ins_code_2 
_pdbx_validate_rmsd_angle.label_alt_id_2 
_pdbx_validate_rmsd_angle.auth_atom_id_3 
_pdbx_validate_rmsd_angle.auth_asym_id_3 
_pdbx_validate_rmsd_angle.auth_comp_id_3 
_pdbx_validate_rmsd_angle.auth_seq_id_3 
_pdbx_validate_rmsd_angle.PDB_ins_code_3 
_pdbx_validate_rmsd_angle.label_alt_id_3 
_pdbx_validate_rmsd_angle.angle_value 
_pdbx_validate_rmsd_angle.angle_target_value 
_pdbx_validate_rmsd_angle.angle_deviation 
_pdbx_validate_rmsd_angle.angle_standard_deviation 
_pdbx_validate_rmsd_angle.linker_flag 
1  1 CG  A TRP 23 ? ? CD1 A TRP 23 ? ? NE1 A TRP 23 ? ? 103.63 110.10 -6.47 1.00 N 
2  1 CD1 A TRP 23 ? ? NE1 A TRP 23 ? ? CE2 A TRP 23 ? ? 114.41 109.00 5.41  0.90 N 
3  1 NE1 A TRP 23 ? ? CE2 A TRP 23 ? ? CZ2 A TRP 23 ? ? 139.56 130.40 9.16  1.10 N 
4  1 NE1 A TRP 23 ? ? CE2 A TRP 23 ? ? CD2 A TRP 23 ? ? 100.29 107.30 -7.01 1.00 N 
5  1 CD1 A TRP 26 ? ? CG  A TRP 26 ? ? CD2 A TRP 26 ? ? 111.32 106.30 5.02  0.80 N 
6  1 CG  A TRP 26 ? ? CD1 A TRP 26 ? ? NE1 A TRP 26 ? ? 102.60 110.10 -7.50 1.00 N 
7  1 CD1 A TRP 26 ? ? NE1 A TRP 26 ? ? CE2 A TRP 26 ? ? 114.40 109.00 5.40  0.90 N 
8  1 NE1 A TRP 26 ? ? CE2 A TRP 26 ? ? CZ2 A TRP 26 ? ? 140.67 130.40 10.27 1.10 N 
9  1 NE1 A TRP 26 ? ? CE2 A TRP 26 ? ? CD2 A TRP 26 ? ? 99.92  107.30 -7.38 1.00 N 
10 1 CG  A TRP 26 ? ? CD2 A TRP 26 ? ? CE3 A TRP 26 ? ? 127.91 133.90 -5.99 0.90 N 
11 1 CD1 A TRP 39 ? ? CG  A TRP 39 ? ? CD2 A TRP 39 ? ? 111.15 106.30 4.85  0.80 N 
12 1 CG  A TRP 39 ? ? CD1 A TRP 39 ? ? NE1 A TRP 39 ? ? 103.14 110.10 -6.96 1.00 N 
13 1 NE1 A TRP 39 ? ? CE2 A TRP 39 ? ? CZ2 A TRP 39 ? ? 140.29 130.40 9.89  1.10 N 
14 1 NE1 A TRP 39 ? ? CE2 A TRP 39 ? ? CD2 A TRP 39 ? ? 99.93  107.30 -7.37 1.00 N 
15 1 CG  A TRP 39 ? ? CD2 A TRP 39 ? ? CE3 A TRP 39 ? ? 128.34 133.90 -5.56 0.90 N 
# 
loop_
_pdbx_validate_torsion.id 
_pdbx_validate_torsion.PDB_model_num 
_pdbx_validate_torsion.auth_comp_id 
_pdbx_validate_torsion.auth_asym_id 
_pdbx_validate_torsion.auth_seq_id 
_pdbx_validate_torsion.PDB_ins_code 
_pdbx_validate_torsion.label_alt_id 
_pdbx_validate_torsion.phi 
_pdbx_validate_torsion.psi 
1  1 LYS A -1 ? ? -137.95 -49.70  
2  1 CYS A 1  ? ? -169.92 115.93  
3  1 VAL A 2  ? ? -93.86  -79.30  
4  1 PHE A 3  ? ? 72.94   140.52  
5  1 LYS A 11 ? ? 71.84   127.15  
6  1 GLU A 13 ? ? -119.03 -83.56  
7  1 CYS A 15 ? ? -59.24  177.33  
8  1 ILE A 18 ? ? 38.91   40.60   
9  1 SER A 20 ? ? -80.36  -136.20 
10 1 TRP A 23 ? ? 35.94   37.05   
11 1 MET A 24 ? ? -160.01 -136.21 
12 1 SER A 25 ? ? 172.48  -178.13 
13 1 TYR A 33 ? ? -94.15  -72.61  
14 1 ASP A 34 ? ? 47.66   7.86    
15 1 LYS A 35 ? ? 91.36   1.98    
16 1 ARG A 37 ? ? 32.98   35.01   
17 1 ALA A 38 ? ? -84.75  30.22   
# 
_pdbx_validate_planes.id              1 
_pdbx_validate_planes.PDB_model_num   1 
_pdbx_validate_planes.auth_comp_id    ARG 
_pdbx_validate_planes.auth_asym_id    A 
_pdbx_validate_planes.auth_seq_id     37 
_pdbx_validate_planes.PDB_ins_code    ? 
_pdbx_validate_planes.label_alt_id    ? 
_pdbx_validate_planes.rmsd            0.304 
_pdbx_validate_planes.type            'SIDE CHAIN' 
# 
_pdbx_nmr_ensemble.entry_id                             1PDC 
_pdbx_nmr_ensemble.conformers_calculated_total_number   ? 
_pdbx_nmr_ensemble.conformers_submitted_total_number    1 
_pdbx_nmr_ensemble.conformer_selection_criteria         ? 
# 
loop_
_pdbx_nmr_software.classification 
_pdbx_nmr_software.name 
_pdbx_nmr_software.version 
_pdbx_nmr_software.authors 
_pdbx_nmr_software.ordinal 
refinement DIANA  ? GUENTERT,BRAUN,WUTHRICH 1 
refinement MIDGE  ? MADRID                  2 
refinement X-PLOR ? BRUNGER                 3 
# 
loop_
_chem_comp_atom.comp_id 
_chem_comp_atom.atom_id 
_chem_comp_atom.type_symbol 
_chem_comp_atom.pdbx_aromatic_flag 
_chem_comp_atom.pdbx_stereo_config 
_chem_comp_atom.pdbx_ordinal 
ALA N    N N N 1   
ALA CA   C N S 2   
ALA C    C N N 3   
ALA O    O N N 4   
ALA CB   C N N 5   
ALA OXT  O N N 6   
ALA H    H N N 7   
ALA H2   H N N 8   
ALA HA   H N N 9   
ALA HB1  H N N 10  
ALA HB2  H N N 11  
ALA HB3  H N N 12  
ALA HXT  H N N 13  
ARG N    N N N 14  
ARG CA   C N S 15  
ARG C    C N N 16  
ARG O    O N N 17  
ARG CB   C N N 18  
ARG CG   C N N 19  
ARG CD   C N N 20  
ARG NE   N N N 21  
ARG CZ   C N N 22  
ARG NH1  N N N 23  
ARG NH2  N N N 24  
ARG OXT  O N N 25  
ARG H    H N N 26  
ARG H2   H N N 27  
ARG HA   H N N 28  
ARG HB2  H N N 29  
ARG HB3  H N N 30  
ARG HG2  H N N 31  
ARG HG3  H N N 32  
ARG HD2  H N N 33  
ARG HD3  H N N 34  
ARG HE   H N N 35  
ARG HH11 H N N 36  
ARG HH12 H N N 37  
ARG HH21 H N N 38  
ARG HH22 H N N 39  
ARG HXT  H N N 40  
ASN N    N N N 41  
ASN CA   C N S 42  
ASN C    C N N 43  
ASN O    O N N 44  
ASN CB   C N N 45  
ASN CG   C N N 46  
ASN OD1  O N N 47  
ASN ND2  N N N 48  
ASN OXT  O N N 49  
ASN H    H N N 50  
ASN H2   H N N 51  
ASN HA   H N N 52  
ASN HB2  H N N 53  
ASN HB3  H N N 54  
ASN HD21 H N N 55  
ASN HD22 H N N 56  
ASN HXT  H N N 57  
ASP N    N N N 58  
ASP CA   C N S 59  
ASP C    C N N 60  
ASP O    O N N 61  
ASP CB   C N N 62  
ASP CG   C N N 63  
ASP OD1  O N N 64  
ASP OD2  O N N 65  
ASP OXT  O N N 66  
ASP H    H N N 67  
ASP H2   H N N 68  
ASP HA   H N N 69  
ASP HB2  H N N 70  
ASP HB3  H N N 71  
ASP HD2  H N N 72  
ASP HXT  H N N 73  
CYS N    N N N 74  
CYS CA   C N R 75  
CYS C    C N N 76  
CYS O    O N N 77  
CYS CB   C N N 78  
CYS SG   S N N 79  
CYS OXT  O N N 80  
CYS H    H N N 81  
CYS H2   H N N 82  
CYS HA   H N N 83  
CYS HB2  H N N 84  
CYS HB3  H N N 85  
CYS HG   H N N 86  
CYS HXT  H N N 87  
GLU N    N N N 88  
GLU CA   C N S 89  
GLU C    C N N 90  
GLU O    O N N 91  
GLU CB   C N N 92  
GLU CG   C N N 93  
GLU CD   C N N 94  
GLU OE1  O N N 95  
GLU OE2  O N N 96  
GLU OXT  O N N 97  
GLU H    H N N 98  
GLU H2   H N N 99  
GLU HA   H N N 100 
GLU HB2  H N N 101 
GLU HB3  H N N 102 
GLU HG2  H N N 103 
GLU HG3  H N N 104 
GLU HE2  H N N 105 
GLU HXT  H N N 106 
GLY N    N N N 107 
GLY CA   C N N 108 
GLY C    C N N 109 
GLY O    O N N 110 
GLY OXT  O N N 111 
GLY H    H N N 112 
GLY H2   H N N 113 
GLY HA2  H N N 114 
GLY HA3  H N N 115 
GLY HXT  H N N 116 
ILE N    N N N 117 
ILE CA   C N S 118 
ILE C    C N N 119 
ILE O    O N N 120 
ILE CB   C N S 121 
ILE CG1  C N N 122 
ILE CG2  C N N 123 
ILE CD1  C N N 124 
ILE OXT  O N N 125 
ILE H    H N N 126 
ILE H2   H N N 127 
ILE HA   H N N 128 
ILE HB   H N N 129 
ILE HG12 H N N 130 
ILE HG13 H N N 131 
ILE HG21 H N N 132 
ILE HG22 H N N 133 
ILE HG23 H N N 134 
ILE HD11 H N N 135 
ILE HD12 H N N 136 
ILE HD13 H N N 137 
ILE HXT  H N N 138 
LEU N    N N N 139 
LEU CA   C N S 140 
LEU C    C N N 141 
LEU O    O N N 142 
LEU CB   C N N 143 
LEU CG   C N N 144 
LEU CD1  C N N 145 
LEU CD2  C N N 146 
LEU OXT  O N N 147 
LEU H    H N N 148 
LEU H2   H N N 149 
LEU HA   H N N 150 
LEU HB2  H N N 151 
LEU HB3  H N N 152 
LEU HG   H N N 153 
LEU HD11 H N N 154 
LEU HD12 H N N 155 
LEU HD13 H N N 156 
LEU HD21 H N N 157 
LEU HD22 H N N 158 
LEU HD23 H N N 159 
LEU HXT  H N N 160 
LYS N    N N N 161 
LYS CA   C N S 162 
LYS C    C N N 163 
LYS O    O N N 164 
LYS CB   C N N 165 
LYS CG   C N N 166 
LYS CD   C N N 167 
LYS CE   C N N 168 
LYS NZ   N N N 169 
LYS OXT  O N N 170 
LYS H    H N N 171 
LYS H2   H N N 172 
LYS HA   H N N 173 
LYS HB2  H N N 174 
LYS HB3  H N N 175 
LYS HG2  H N N 176 
LYS HG3  H N N 177 
LYS HD2  H N N 178 
LYS HD3  H N N 179 
LYS HE2  H N N 180 
LYS HE3  H N N 181 
LYS HZ1  H N N 182 
LYS HZ2  H N N 183 
LYS HZ3  H N N 184 
LYS HXT  H N N 185 
MET N    N N N 186 
MET CA   C N S 187 
MET C    C N N 188 
MET O    O N N 189 
MET CB   C N N 190 
MET CG   C N N 191 
MET SD   S N N 192 
MET CE   C N N 193 
MET OXT  O N N 194 
MET H    H N N 195 
MET H2   H N N 196 
MET HA   H N N 197 
MET HB2  H N N 198 
MET HB3  H N N 199 
MET HG2  H N N 200 
MET HG3  H N N 201 
MET HE1  H N N 202 
MET HE2  H N N 203 
MET HE3  H N N 204 
MET HXT  H N N 205 
PHE N    N N N 206 
PHE CA   C N S 207 
PHE C    C N N 208 
PHE O    O N N 209 
PHE CB   C N N 210 
PHE CG   C Y N 211 
PHE CD1  C Y N 212 
PHE CD2  C Y N 213 
PHE CE1  C Y N 214 
PHE CE2  C Y N 215 
PHE CZ   C Y N 216 
PHE OXT  O N N 217 
PHE H    H N N 218 
PHE H2   H N N 219 
PHE HA   H N N 220 
PHE HB2  H N N 221 
PHE HB3  H N N 222 
PHE HD1  H N N 223 
PHE HD2  H N N 224 
PHE HE1  H N N 225 
PHE HE2  H N N 226 
PHE HZ   H N N 227 
PHE HXT  H N N 228 
PRO N    N N N 229 
PRO CA   C N S 230 
PRO C    C N N 231 
PRO O    O N N 232 
PRO CB   C N N 233 
PRO CG   C N N 234 
PRO CD   C N N 235 
PRO OXT  O N N 236 
PRO H    H N N 237 
PRO HA   H N N 238 
PRO HB2  H N N 239 
PRO HB3  H N N 240 
PRO HG2  H N N 241 
PRO HG3  H N N 242 
PRO HD2  H N N 243 
PRO HD3  H N N 244 
PRO HXT  H N N 245 
SER N    N N N 246 
SER CA   C N S 247 
SER C    C N N 248 
SER O    O N N 249 
SER CB   C N N 250 
SER OG   O N N 251 
SER OXT  O N N 252 
SER H    H N N 253 
SER H2   H N N 254 
SER HA   H N N 255 
SER HB2  H N N 256 
SER HB3  H N N 257 
SER HG   H N N 258 
SER HXT  H N N 259 
THR N    N N N 260 
THR CA   C N S 261 
THR C    C N N 262 
THR O    O N N 263 
THR CB   C N R 264 
THR OG1  O N N 265 
THR CG2  C N N 266 
THR OXT  O N N 267 
THR H    H N N 268 
THR H2   H N N 269 
THR HA   H N N 270 
THR HB   H N N 271 
THR HG1  H N N 272 
THR HG21 H N N 273 
THR HG22 H N N 274 
THR HG23 H N N 275 
THR HXT  H N N 276 
TRP N    N N N 277 
TRP CA   C N S 278 
TRP C    C N N 279 
TRP O    O N N 280 
TRP CB   C N N 281 
TRP CG   C Y N 282 
TRP CD1  C Y N 283 
TRP CD2  C Y N 284 
TRP NE1  N Y N 285 
TRP CE2  C Y N 286 
TRP CE3  C Y N 287 
TRP CZ2  C Y N 288 
TRP CZ3  C Y N 289 
TRP CH2  C Y N 290 
TRP OXT  O N N 291 
TRP H    H N N 292 
TRP H2   H N N 293 
TRP HA   H N N 294 
TRP HB2  H N N 295 
TRP HB3  H N N 296 
TRP HD1  H N N 297 
TRP HE1  H N N 298 
TRP HE3  H N N 299 
TRP HZ2  H N N 300 
TRP HZ3  H N N 301 
TRP HH2  H N N 302 
TRP HXT  H N N 303 
TYR N    N N N 304 
TYR CA   C N S 305 
TYR C    C N N 306 
TYR O    O N N 307 
TYR CB   C N N 308 
TYR CG   C Y N 309 
TYR CD1  C Y N 310 
TYR CD2  C Y N 311 
TYR CE1  C Y N 312 
TYR CE2  C Y N 313 
TYR CZ   C Y N 314 
TYR OH   O N N 315 
TYR OXT  O N N 316 
TYR H    H N N 317 
TYR H2   H N N 318 
TYR HA   H N N 319 
TYR HB2  H N N 320 
TYR HB3  H N N 321 
TYR HD1  H N N 322 
TYR HD2  H N N 323 
TYR HE1  H N N 324 
TYR HE2  H N N 325 
TYR HH   H N N 326 
TYR HXT  H N N 327 
VAL N    N N N 328 
VAL CA   C N S 329 
VAL C    C N N 330 
VAL O    O N N 331 
VAL CB   C N N 332 
VAL CG1  C N N 333 
VAL CG2  C N N 334 
VAL OXT  O N N 335 
VAL H    H N N 336 
VAL H2   H N N 337 
VAL HA   H N N 338 
VAL HB   H N N 339 
VAL HG11 H N N 340 
VAL HG12 H N N 341 
VAL HG13 H N N 342 
VAL HG21 H N N 343 
VAL HG22 H N N 344 
VAL HG23 H N N 345 
VAL HXT  H N N 346 
# 
loop_
_chem_comp_bond.comp_id 
_chem_comp_bond.atom_id_1 
_chem_comp_bond.atom_id_2 
_chem_comp_bond.value_order 
_chem_comp_bond.pdbx_aromatic_flag 
_chem_comp_bond.pdbx_stereo_config 
_chem_comp_bond.pdbx_ordinal 
ALA N   CA   sing N N 1   
ALA N   H    sing N N 2   
ALA N   H2   sing N N 3   
ALA CA  C    sing N N 4   
ALA CA  CB   sing N N 5   
ALA CA  HA   sing N N 6   
ALA C   O    doub N N 7   
ALA C   OXT  sing N N 8   
ALA CB  HB1  sing N N 9   
ALA CB  HB2  sing N N 10  
ALA CB  HB3  sing N N 11  
ALA OXT HXT  sing N N 12  
ARG N   CA   sing N N 13  
ARG N   H    sing N N 14  
ARG N   H2   sing N N 15  
ARG CA  C    sing N N 16  
ARG CA  CB   sing N N 17  
ARG CA  HA   sing N N 18  
ARG C   O    doub N N 19  
ARG C   OXT  sing N N 20  
ARG CB  CG   sing N N 21  
ARG CB  HB2  sing N N 22  
ARG CB  HB3  sing N N 23  
ARG CG  CD   sing N N 24  
ARG CG  HG2  sing N N 25  
ARG CG  HG3  sing N N 26  
ARG CD  NE   sing N N 27  
ARG CD  HD2  sing N N 28  
ARG CD  HD3  sing N N 29  
ARG NE  CZ   sing N N 30  
ARG NE  HE   sing N N 31  
ARG CZ  NH1  sing N N 32  
ARG CZ  NH2  doub N N 33  
ARG NH1 HH11 sing N N 34  
ARG NH1 HH12 sing N N 35  
ARG NH2 HH21 sing N N 36  
ARG NH2 HH22 sing N N 37  
ARG OXT HXT  sing N N 38  
ASN N   CA   sing N N 39  
ASN N   H    sing N N 40  
ASN N   H2   sing N N 41  
ASN CA  C    sing N N 42  
ASN CA  CB   sing N N 43  
ASN CA  HA   sing N N 44  
ASN C   O    doub N N 45  
ASN C   OXT  sing N N 46  
ASN CB  CG   sing N N 47  
ASN CB  HB2  sing N N 48  
ASN CB  HB3  sing N N 49  
ASN CG  OD1  doub N N 50  
ASN CG  ND2  sing N N 51  
ASN ND2 HD21 sing N N 52  
ASN ND2 HD22 sing N N 53  
ASN OXT HXT  sing N N 54  
ASP N   CA   sing N N 55  
ASP N   H    sing N N 56  
ASP N   H2   sing N N 57  
ASP CA  C    sing N N 58  
ASP CA  CB   sing N N 59  
ASP CA  HA   sing N N 60  
ASP C   O    doub N N 61  
ASP C   OXT  sing N N 62  
ASP CB  CG   sing N N 63  
ASP CB  HB2  sing N N 64  
ASP CB  HB3  sing N N 65  
ASP CG  OD1  doub N N 66  
ASP CG  OD2  sing N N 67  
ASP OD2 HD2  sing N N 68  
ASP OXT HXT  sing N N 69  
CYS N   CA   sing N N 70  
CYS N   H    sing N N 71  
CYS N   H2   sing N N 72  
CYS CA  C    sing N N 73  
CYS CA  CB   sing N N 74  
CYS CA  HA   sing N N 75  
CYS C   O    doub N N 76  
CYS C   OXT  sing N N 77  
CYS CB  SG   sing N N 78  
CYS CB  HB2  sing N N 79  
CYS CB  HB3  sing N N 80  
CYS SG  HG   sing N N 81  
CYS OXT HXT  sing N N 82  
GLU N   CA   sing N N 83  
GLU N   H    sing N N 84  
GLU N   H2   sing N N 85  
GLU CA  C    sing N N 86  
GLU CA  CB   sing N N 87  
GLU CA  HA   sing N N 88  
GLU C   O    doub N N 89  
GLU C   OXT  sing N N 90  
GLU CB  CG   sing N N 91  
GLU CB  HB2  sing N N 92  
GLU CB  HB3  sing N N 93  
GLU CG  CD   sing N N 94  
GLU CG  HG2  sing N N 95  
GLU CG  HG3  sing N N 96  
GLU CD  OE1  doub N N 97  
GLU CD  OE2  sing N N 98  
GLU OE2 HE2  sing N N 99  
GLU OXT HXT  sing N N 100 
GLY N   CA   sing N N 101 
GLY N   H    sing N N 102 
GLY N   H2   sing N N 103 
GLY CA  C    sing N N 104 
GLY CA  HA2  sing N N 105 
GLY CA  HA3  sing N N 106 
GLY C   O    doub N N 107 
GLY C   OXT  sing N N 108 
GLY OXT HXT  sing N N 109 
ILE N   CA   sing N N 110 
ILE N   H    sing N N 111 
ILE N   H2   sing N N 112 
ILE CA  C    sing N N 113 
ILE CA  CB   sing N N 114 
ILE CA  HA   sing N N 115 
ILE C   O    doub N N 116 
ILE C   OXT  sing N N 117 
ILE CB  CG1  sing N N 118 
ILE CB  CG2  sing N N 119 
ILE CB  HB   sing N N 120 
ILE CG1 CD1  sing N N 121 
ILE CG1 HG12 sing N N 122 
ILE CG1 HG13 sing N N 123 
ILE CG2 HG21 sing N N 124 
ILE CG2 HG22 sing N N 125 
ILE CG2 HG23 sing N N 126 
ILE CD1 HD11 sing N N 127 
ILE CD1 HD12 sing N N 128 
ILE CD1 HD13 sing N N 129 
ILE OXT HXT  sing N N 130 
LEU N   CA   sing N N 131 
LEU N   H    sing N N 132 
LEU N   H2   sing N N 133 
LEU CA  C    sing N N 134 
LEU CA  CB   sing N N 135 
LEU CA  HA   sing N N 136 
LEU C   O    doub N N 137 
LEU C   OXT  sing N N 138 
LEU CB  CG   sing N N 139 
LEU CB  HB2  sing N N 140 
LEU CB  HB3  sing N N 141 
LEU CG  CD1  sing N N 142 
LEU CG  CD2  sing N N 143 
LEU CG  HG   sing N N 144 
LEU CD1 HD11 sing N N 145 
LEU CD1 HD12 sing N N 146 
LEU CD1 HD13 sing N N 147 
LEU CD2 HD21 sing N N 148 
LEU CD2 HD22 sing N N 149 
LEU CD2 HD23 sing N N 150 
LEU OXT HXT  sing N N 151 
LYS N   CA   sing N N 152 
LYS N   H    sing N N 153 
LYS N   H2   sing N N 154 
LYS CA  C    sing N N 155 
LYS CA  CB   sing N N 156 
LYS CA  HA   sing N N 157 
LYS C   O    doub N N 158 
LYS C   OXT  sing N N 159 
LYS CB  CG   sing N N 160 
LYS CB  HB2  sing N N 161 
LYS CB  HB3  sing N N 162 
LYS CG  CD   sing N N 163 
LYS CG  HG2  sing N N 164 
LYS CG  HG3  sing N N 165 
LYS CD  CE   sing N N 166 
LYS CD  HD2  sing N N 167 
LYS CD  HD3  sing N N 168 
LYS CE  NZ   sing N N 169 
LYS CE  HE2  sing N N 170 
LYS CE  HE3  sing N N 171 
LYS NZ  HZ1  sing N N 172 
LYS NZ  HZ2  sing N N 173 
LYS NZ  HZ3  sing N N 174 
LYS OXT HXT  sing N N 175 
MET N   CA   sing N N 176 
MET N   H    sing N N 177 
MET N   H2   sing N N 178 
MET CA  C    sing N N 179 
MET CA  CB   sing N N 180 
MET CA  HA   sing N N 181 
MET C   O    doub N N 182 
MET C   OXT  sing N N 183 
MET CB  CG   sing N N 184 
MET CB  HB2  sing N N 185 
MET CB  HB3  sing N N 186 
MET CG  SD   sing N N 187 
MET CG  HG2  sing N N 188 
MET CG  HG3  sing N N 189 
MET SD  CE   sing N N 190 
MET CE  HE1  sing N N 191 
MET CE  HE2  sing N N 192 
MET CE  HE3  sing N N 193 
MET OXT HXT  sing N N 194 
PHE N   CA   sing N N 195 
PHE N   H    sing N N 196 
PHE N   H2   sing N N 197 
PHE CA  C    sing N N 198 
PHE CA  CB   sing N N 199 
PHE CA  HA   sing N N 200 
PHE C   O    doub N N 201 
PHE C   OXT  sing N N 202 
PHE CB  CG   sing N N 203 
PHE CB  HB2  sing N N 204 
PHE CB  HB3  sing N N 205 
PHE CG  CD1  doub Y N 206 
PHE CG  CD2  sing Y N 207 
PHE CD1 CE1  sing Y N 208 
PHE CD1 HD1  sing N N 209 
PHE CD2 CE2  doub Y N 210 
PHE CD2 HD2  sing N N 211 
PHE CE1 CZ   doub Y N 212 
PHE CE1 HE1  sing N N 213 
PHE CE2 CZ   sing Y N 214 
PHE CE2 HE2  sing N N 215 
PHE CZ  HZ   sing N N 216 
PHE OXT HXT  sing N N 217 
PRO N   CA   sing N N 218 
PRO N   CD   sing N N 219 
PRO N   H    sing N N 220 
PRO CA  C    sing N N 221 
PRO CA  CB   sing N N 222 
PRO CA  HA   sing N N 223 
PRO C   O    doub N N 224 
PRO C   OXT  sing N N 225 
PRO CB  CG   sing N N 226 
PRO CB  HB2  sing N N 227 
PRO CB  HB3  sing N N 228 
PRO CG  CD   sing N N 229 
PRO CG  HG2  sing N N 230 
PRO CG  HG3  sing N N 231 
PRO CD  HD2  sing N N 232 
PRO CD  HD3  sing N N 233 
PRO OXT HXT  sing N N 234 
SER N   CA   sing N N 235 
SER N   H    sing N N 236 
SER N   H2   sing N N 237 
SER CA  C    sing N N 238 
SER CA  CB   sing N N 239 
SER CA  HA   sing N N 240 
SER C   O    doub N N 241 
SER C   OXT  sing N N 242 
SER CB  OG   sing N N 243 
SER CB  HB2  sing N N 244 
SER CB  HB3  sing N N 245 
SER OG  HG   sing N N 246 
SER OXT HXT  sing N N 247 
THR N   CA   sing N N 248 
THR N   H    sing N N 249 
THR N   H2   sing N N 250 
THR CA  C    sing N N 251 
THR CA  CB   sing N N 252 
THR CA  HA   sing N N 253 
THR C   O    doub N N 254 
THR C   OXT  sing N N 255 
THR CB  OG1  sing N N 256 
THR CB  CG2  sing N N 257 
THR CB  HB   sing N N 258 
THR OG1 HG1  sing N N 259 
THR CG2 HG21 sing N N 260 
THR CG2 HG22 sing N N 261 
THR CG2 HG23 sing N N 262 
THR OXT HXT  sing N N 263 
TRP N   CA   sing N N 264 
TRP N   H    sing N N 265 
TRP N   H2   sing N N 266 
TRP CA  C    sing N N 267 
TRP CA  CB   sing N N 268 
TRP CA  HA   sing N N 269 
TRP C   O    doub N N 270 
TRP C   OXT  sing N N 271 
TRP CB  CG   sing N N 272 
TRP CB  HB2  sing N N 273 
TRP CB  HB3  sing N N 274 
TRP CG  CD1  doub Y N 275 
TRP CG  CD2  sing Y N 276 
TRP CD1 NE1  sing Y N 277 
TRP CD1 HD1  sing N N 278 
TRP CD2 CE2  doub Y N 279 
TRP CD2 CE3  sing Y N 280 
TRP NE1 CE2  sing Y N 281 
TRP NE1 HE1  sing N N 282 
TRP CE2 CZ2  sing Y N 283 
TRP CE3 CZ3  doub Y N 284 
TRP CE3 HE3  sing N N 285 
TRP CZ2 CH2  doub Y N 286 
TRP CZ2 HZ2  sing N N 287 
TRP CZ3 CH2  sing Y N 288 
TRP CZ3 HZ3  sing N N 289 
TRP CH2 HH2  sing N N 290 
TRP OXT HXT  sing N N 291 
TYR N   CA   sing N N 292 
TYR N   H    sing N N 293 
TYR N   H2   sing N N 294 
TYR CA  C    sing N N 295 
TYR CA  CB   sing N N 296 
TYR CA  HA   sing N N 297 
TYR C   O    doub N N 298 
TYR C   OXT  sing N N 299 
TYR CB  CG   sing N N 300 
TYR CB  HB2  sing N N 301 
TYR CB  HB3  sing N N 302 
TYR CG  CD1  doub Y N 303 
TYR CG  CD2  sing Y N 304 
TYR CD1 CE1  sing Y N 305 
TYR CD1 HD1  sing N N 306 
TYR CD2 CE2  doub Y N 307 
TYR CD2 HD2  sing N N 308 
TYR CE1 CZ   doub Y N 309 
TYR CE1 HE1  sing N N 310 
TYR CE2 CZ   sing Y N 311 
TYR CE2 HE2  sing N N 312 
TYR CZ  OH   sing N N 313 
TYR OH  HH   sing N N 314 
TYR OXT HXT  sing N N 315 
VAL N   CA   sing N N 316 
VAL N   H    sing N N 317 
VAL N   H2   sing N N 318 
VAL CA  C    sing N N 319 
VAL CA  CB   sing N N 320 
VAL CA  HA   sing N N 321 
VAL C   O    doub N N 322 
VAL C   OXT  sing N N 323 
VAL CB  CG1  sing N N 324 
VAL CB  CG2  sing N N 325 
VAL CB  HB   sing N N 326 
VAL CG1 HG11 sing N N 327 
VAL CG1 HG12 sing N N 328 
VAL CG1 HG13 sing N N 329 
VAL CG2 HG21 sing N N 330 
VAL CG2 HG22 sing N N 331 
VAL CG2 HG23 sing N N 332 
VAL OXT HXT  sing N N 333 
# 
_atom_sites.entry_id                    1PDC 
_atom_sites.fract_transf_matrix[1][1]   1.000000 
_atom_sites.fract_transf_matrix[1][2]   0.000000 
_atom_sites.fract_transf_matrix[1][3]   0.000000 
_atom_sites.fract_transf_matrix[2][1]   0.000000 
_atom_sites.fract_transf_matrix[2][2]   1.000000 
_atom_sites.fract_transf_matrix[2][3]   0.000000 
_atom_sites.fract_transf_matrix[3][1]   0.000000 
_atom_sites.fract_transf_matrix[3][2]   0.000000 
_atom_sites.fract_transf_matrix[3][3]   1.000000 
_atom_sites.fract_transf_vector[1]      0.00000 
_atom_sites.fract_transf_vector[2]      0.00000 
_atom_sites.fract_transf_vector[3]      0.00000 
# 
_atom_sites_footnote.id     1 
_atom_sites_footnote.text   'RESIDUE PRO 4 IS A CIS PROLINE.' 
# 
loop_
_atom_type.symbol 
C 
H 
N 
O 
S 
# 
loop_
_atom_site.group_PDB 
_atom_site.id 
_atom_site.type_symbol 
_atom_site.label_atom_id 
_atom_site.label_alt_id 
_atom_site.label_comp_id 
_atom_site.label_asym_id 
_atom_site.label_entity_id 
_atom_site.label_seq_id 
_atom_site.pdbx_PDB_ins_code 
_atom_site.Cartn_x 
_atom_site.Cartn_y 
_atom_site.Cartn_z 
_atom_site.occupancy 
_atom_site.B_iso_or_equiv 
_atom_site.pdbx_formal_charge 
_atom_site.auth_seq_id 
_atom_site.auth_comp_id 
_atom_site.auth_asym_id 
_atom_site.auth_atom_id 
_atom_site.pdbx_PDB_model_num 
ATOM 1   N N    . ASP A 1 1  ? -1.663  -0.112  13.354  1.00 0.00 ? -4 ASP A N    1 
ATOM 2   C CA   . ASP A 1 1  ? -0.530  0.782   13.017  1.00 0.00 ? -4 ASP A CA   1 
ATOM 3   C C    . ASP A 1 1  ? -1.039  1.967   12.187  1.00 0.00 ? -4 ASP A C    1 
ATOM 4   O O    . ASP A 1 1  ? -2.069  1.876   11.551  1.00 0.00 ? -4 ASP A O    1 
ATOM 5   C CB   . ASP A 1 1  ? 0.516   0.000   12.197  1.00 0.00 ? -4 ASP A CB   1 
ATOM 6   C CG   . ASP A 1 1  ? 1.894   0.602   12.427  1.00 0.00 ? -4 ASP A CG   1 
ATOM 7   O OD1  . ASP A 1 1  ? 2.059   1.738   12.026  1.00 0.00 ? -4 ASP A OD1  1 
ATOM 8   O OD2  . ASP A 1 1  ? 2.706   -0.109  12.985  1.00 0.00 ? -4 ASP A OD2  1 
ATOM 9   H H1   . ASP A 1 1  ? -2.305  -0.178  12.537  1.00 0.00 ? -4 ASP A H1   1 
ATOM 10  H H2   . ASP A 1 1  ? -1.300  -1.059  13.587  1.00 0.00 ? -4 ASP A H2   1 
ATOM 11  H H3   . ASP A 1 1  ? -2.179  0.272   14.169  1.00 0.00 ? -4 ASP A H3   1 
ATOM 12  H HA   . ASP A 1 1  ? -0.096  1.165   13.942  1.00 0.00 ? -4 ASP A HA   1 
ATOM 13  H HB2  . ASP A 1 1  ? 0.525   -1.035  12.508  1.00 0.00 ? -4 ASP A HB2  1 
ATOM 14  H HB3  . ASP A 1 1  ? 0.275   0.054   11.146  1.00 0.00 ? -4 ASP A HB3  1 
ATOM 15  N N    . TYR A 1 2  ? -0.313  3.054   12.218  1.00 0.00 ? -3 TYR A N    1 
ATOM 16  C CA   . TYR A 1 2  ? -0.739  4.258   11.433  1.00 0.00 ? -3 TYR A CA   1 
ATOM 17  C C    . TYR A 1 2  ? 0.466   4.910   10.755  1.00 0.00 ? -3 TYR A C    1 
ATOM 18  O O    . TYR A 1 2  ? 0.349   5.949   10.133  1.00 0.00 ? -3 TYR A O    1 
ATOM 19  C CB   . TYR A 1 2  ? -1.377  5.273   12.406  1.00 0.00 ? -3 TYR A CB   1 
ATOM 20  C CG   . TYR A 1 2  ? -2.666  5.842   11.793  1.00 0.00 ? -3 TYR A CG   1 
ATOM 21  C CD1  . TYR A 1 2  ? -2.640  6.509   10.580  1.00 0.00 ? -3 TYR A CD1  1 
ATOM 22  C CD2  . TYR A 1 2  ? -3.872  5.703   12.449  1.00 0.00 ? -3 TYR A CD2  1 
ATOM 23  C CE1  . TYR A 1 2  ? -3.802  7.023   10.039  1.00 0.00 ? -3 TYR A CE1  1 
ATOM 24  C CE2  . TYR A 1 2  ? -5.033  6.219   11.905  1.00 0.00 ? -3 TYR A CE2  1 
ATOM 25  C CZ   . TYR A 1 2  ? -5.005  6.881   10.697  1.00 0.00 ? -3 TYR A CZ   1 
ATOM 26  O OH   . TYR A 1 2  ? -6.163  7.389   10.150  1.00 0.00 ? -3 TYR A OH   1 
ATOM 27  H H    . TYR A 1 2  ? 0.516   3.076   12.745  1.00 0.00 ? -3 TYR A H    1 
ATOM 28  H HA   . TYR A 1 2  ? -1.450  3.951   10.667  1.00 0.00 ? -3 TYR A HA   1 
ATOM 29  H HB2  . TYR A 1 2  ? -1.614  4.784   13.338  1.00 0.00 ? -3 TYR A HB2  1 
ATOM 30  H HB3  . TYR A 1 2  ? -0.687  6.083   12.597  1.00 0.00 ? -3 TYR A HB3  1 
ATOM 31  H HD1  . TYR A 1 2  ? -1.706  6.630   10.053  1.00 0.00 ? -3 TYR A HD1  1 
ATOM 32  H HD2  . TYR A 1 2  ? -3.909  5.186   13.396  1.00 0.00 ? -3 TYR A HD2  1 
ATOM 33  H HE1  . TYR A 1 2  ? -3.770  7.546   9.095   1.00 0.00 ? -3 TYR A HE1  1 
ATOM 34  H HE2  . TYR A 1 2  ? -5.968  6.107   12.432  1.00 0.00 ? -3 TYR A HE2  1 
ATOM 35  H HH   . TYR A 1 2  ? -6.866  6.759   10.319  1.00 0.00 ? -3 TYR A HH   1 
ATOM 36  N N    . ALA A 1 3  ? 1.603   4.287   10.904  1.00 0.00 ? -2 ALA A N    1 
ATOM 37  C CA   . ALA A 1 3  ? 2.840   4.832   10.284  1.00 0.00 ? -2 ALA A CA   1 
ATOM 38  C C    . ALA A 1 3  ? 3.660   3.702   9.657   1.00 0.00 ? -2 ALA A C    1 
ATOM 39  O O    . ALA A 1 3  ? 4.815   3.876   9.324   1.00 0.00 ? -2 ALA A O    1 
ATOM 40  C CB   . ALA A 1 3  ? 3.674   5.509   11.391  1.00 0.00 ? -2 ALA A CB   1 
ATOM 41  H H    . ALA A 1 3  ? 1.642   3.458   11.426  1.00 0.00 ? -2 ALA A H    1 
ATOM 42  H HA   . ALA A 1 3  ? 2.569   5.548   9.509   1.00 0.00 ? -2 ALA A HA   1 
ATOM 43  H HB1  . ALA A 1 3  ? 3.088   6.282   11.867  1.00 0.00 ? -2 ALA A HB1  1 
ATOM 44  H HB2  . ALA A 1 3  ? 3.963   4.776   12.130  1.00 0.00 ? -2 ALA A HB2  1 
ATOM 45  H HB3  . ALA A 1 3  ? 4.562   5.950   10.960  1.00 0.00 ? -2 ALA A HB3  1 
ATOM 46  N N    . LYS A 1 4  ? 3.040   2.562   9.512   1.00 0.00 ? -1 LYS A N    1 
ATOM 47  C CA   . LYS A 1 4  ? 3.749   1.401   8.912   1.00 0.00 ? -1 LYS A CA   1 
ATOM 48  C C    . LYS A 1 4  ? 2.843   0.651   7.931   1.00 0.00 ? -1 LYS A C    1 
ATOM 49  O O    . LYS A 1 4  ? 3.228   0.376   6.816   1.00 0.00 ? -1 LYS A O    1 
ATOM 50  C CB   . LYS A 1 4  ? 4.127   0.454   10.062  1.00 0.00 ? -1 LYS A CB   1 
ATOM 51  C CG   . LYS A 1 4  ? 5.236   -0.501  9.606   1.00 0.00 ? -1 LYS A CG   1 
ATOM 52  C CD   . LYS A 1 4  ? 5.425   -1.596  10.669  1.00 0.00 ? -1 LYS A CD   1 
ATOM 53  C CE   . LYS A 1 4  ? 5.721   -0.947  12.029  1.00 0.00 ? -1 LYS A CE   1 
ATOM 54  N NZ   . LYS A 1 4  ? 6.680   -1.786  12.807  1.00 0.00 ? -1 LYS A NZ   1 
ATOM 55  H H    . LYS A 1 4  ? 2.114   2.470   9.812   1.00 0.00 ? -1 LYS A H    1 
ATOM 56  H HA   . LYS A 1 4  ? 4.634   1.751   8.387   1.00 0.00 ? -1 LYS A HA   1 
ATOM 57  H HB2  . LYS A 1 4  ? 4.472   1.034   10.906  1.00 0.00 ? -1 LYS A HB2  1 
ATOM 58  H HB3  . LYS A 1 4  ? 3.259   -0.117  10.361  1.00 0.00 ? -1 LYS A HB3  1 
ATOM 59  H HG2  . LYS A 1 4  ? 4.960   -0.954  8.663   1.00 0.00 ? -1 LYS A HG2  1 
ATOM 60  H HG3  . LYS A 1 4  ? 6.158   0.049   9.480   1.00 0.00 ? -1 LYS A HG3  1 
ATOM 61  H HD2  . LYS A 1 4  ? 4.524   -2.189  10.741  1.00 0.00 ? -1 LYS A HD2  1 
ATOM 62  H HD3  . LYS A 1 4  ? 6.246   -2.238  10.386  1.00 0.00 ? -1 LYS A HD3  1 
ATOM 63  H HE2  . LYS A 1 4  ? 6.150   0.036   11.878  1.00 0.00 ? -1 LYS A HE2  1 
ATOM 64  H HE3  . LYS A 1 4  ? 4.804   -0.848  12.590  1.00 0.00 ? -1 LYS A HE3  1 
ATOM 65  H HZ1  . LYS A 1 4  ? 6.316   -2.757  12.874  1.00 0.00 ? -1 LYS A HZ1  1 
ATOM 66  H HZ2  . LYS A 1 4  ? 7.602   -1.793  12.328  1.00 0.00 ? -1 LYS A HZ2  1 
ATOM 67  H HZ3  . LYS A 1 4  ? 6.791   -1.391  13.765  1.00 0.00 ? -1 LYS A HZ3  1 
ATOM 68  N N    . CYS A 1 5  ? 1.655   0.346   8.381   1.00 0.00 ? 1  CYS A N    1 
ATOM 69  C CA   . CYS A 1 5  ? 0.679   -0.389  7.515   1.00 0.00 ? 1  CYS A CA   1 
ATOM 70  C C    . CYS A 1 5  ? -0.703  -0.400  8.177   1.00 0.00 ? 1  CYS A C    1 
ATOM 71  O O    . CYS A 1 5  ? -0.870  -0.976  9.235   1.00 0.00 ? 1  CYS A O    1 
ATOM 72  C CB   . CYS A 1 5  ? 1.155   -1.852  7.376   1.00 0.00 ? 1  CYS A CB   1 
ATOM 73  S SG   . CYS A 1 5  ? 2.541   -2.197  6.255   1.00 0.00 ? 1  CYS A SG   1 
ATOM 74  H H    . CYS A 1 5  ? 1.399   0.609   9.288   1.00 0.00 ? 1  CYS A H    1 
ATOM 75  H HA   . CYS A 1 5  ? 0.613   0.100   6.544   1.00 0.00 ? 1  CYS A HA   1 
ATOM 76  H HB2  . CYS A 1 5  ? 1.437   -2.204  8.356   1.00 0.00 ? 1  CYS A HB2  1 
ATOM 77  H HB3  . CYS A 1 5  ? 0.317   -2.446  7.046   1.00 0.00 ? 1  CYS A HB3  1 
ATOM 78  N N    . VAL A 1 6  ? -1.669  0.229   7.548   1.00 0.00 ? 2  VAL A N    1 
ATOM 79  C CA   . VAL A 1 6  ? -3.042  0.249   8.154   1.00 0.00 ? 2  VAL A CA   1 
ATOM 80  C C    . VAL A 1 6  ? -3.918  -0.888  7.611   1.00 0.00 ? 2  VAL A C    1 
ATOM 81  O O    . VAL A 1 6  ? -4.097  -1.896  8.264   1.00 0.00 ? 2  VAL A O    1 
ATOM 82  C CB   . VAL A 1 6  ? -3.703  1.626   7.852   1.00 0.00 ? 2  VAL A CB   1 
ATOM 83  C CG1  . VAL A 1 6  ? -3.604  1.962   6.352   1.00 0.00 ? 2  VAL A CG1  1 
ATOM 84  C CG2  . VAL A 1 6  ? -5.182  1.586   8.266   1.00 0.00 ? 2  VAL A CG2  1 
ATOM 85  H H    . VAL A 1 6  ? -1.495  0.677   6.692   1.00 0.00 ? 2  VAL A H    1 
ATOM 86  H HA   . VAL A 1 6  ? -2.944  0.109   9.221   1.00 0.00 ? 2  VAL A HA   1 
ATOM 87  H HB   . VAL A 1 6  ? -3.197  2.392   8.422   1.00 0.00 ? 2  VAL A HB   1 
ATOM 88  H HG11 . VAL A 1 6  ? -2.886  1.314   5.873   1.00 0.00 ? 2  VAL A HG11 1 
ATOM 89  H HG12 . VAL A 1 6  ? -4.568  1.836   5.881   1.00 0.00 ? 2  VAL A HG12 1 
ATOM 90  H HG13 . VAL A 1 6  ? -3.287  2.987   6.233   1.00 0.00 ? 2  VAL A HG13 1 
ATOM 91  H HG21 . VAL A 1 6  ? -5.279  1.113   9.232   1.00 0.00 ? 2  VAL A HG21 1 
ATOM 92  H HG22 . VAL A 1 6  ? -5.572  2.592   8.323   1.00 0.00 ? 2  VAL A HG22 1 
ATOM 93  H HG23 . VAL A 1 6  ? -5.753  1.026   7.540   1.00 0.00 ? 2  VAL A HG23 1 
ATOM 94  N N    . PHE A 1 7  ? -4.441  -0.691  6.437   1.00 0.00 ? 3  PHE A N    1 
ATOM 95  C CA   . PHE A 1 7  ? -5.315  -1.724  5.793   1.00 0.00 ? 3  PHE A CA   1 
ATOM 96  C C    . PHE A 1 7  ? -6.691  -1.812  6.451   1.00 0.00 ? 3  PHE A C    1 
ATOM 97  O O    . PHE A 1 7  ? -6.830  -1.718  7.657   1.00 0.00 ? 3  PHE A O    1 
ATOM 98  C CB   . PHE A 1 7  ? -4.636  -3.105  5.885   1.00 0.00 ? 3  PHE A CB   1 
ATOM 99  C CG   . PHE A 1 7  ? -3.196  -2.984  5.411   1.00 0.00 ? 3  PHE A CG   1 
ATOM 100 C CD1  . PHE A 1 7  ? -2.842  -1.990  4.525   1.00 0.00 ? 3  PHE A CD1  1 
ATOM 101 C CD2  . PHE A 1 7  ? -2.233  -3.868  5.853   1.00 0.00 ? 3  PHE A CD2  1 
ATOM 102 C CE1  . PHE A 1 7  ? -1.545  -1.876  4.084   1.00 0.00 ? 3  PHE A CE1  1 
ATOM 103 C CE2  . PHE A 1 7  ? -0.932  -3.758  5.411   1.00 0.00 ? 3  PHE A CE2  1 
ATOM 104 C CZ   . PHE A 1 7  ? -0.588  -2.761  4.526   1.00 0.00 ? 3  PHE A CZ   1 
ATOM 105 H H    . PHE A 1 7  ? -4.255  0.136   5.972   1.00 0.00 ? 3  PHE A H    1 
ATOM 106 H HA   . PHE A 1 7  ? -5.448  -1.444  4.757   1.00 0.00 ? 3  PHE A HA   1 
ATOM 107 H HB2  . PHE A 1 7  ? -4.651  -3.459  6.902   1.00 0.00 ? 3  PHE A HB2  1 
ATOM 108 H HB3  . PHE A 1 7  ? -5.156  -3.812  5.257   1.00 0.00 ? 3  PHE A HB3  1 
ATOM 109 H HD1  . PHE A 1 7  ? -3.600  -1.305  4.166   1.00 0.00 ? 3  PHE A HD1  1 
ATOM 110 H HD2  . PHE A 1 7  ? -2.504  -4.647  6.547   1.00 0.00 ? 3  PHE A HD2  1 
ATOM 111 H HE1  . PHE A 1 7  ? -1.281  -1.092  3.397   1.00 0.00 ? 3  PHE A HE1  1 
ATOM 112 H HE2  . PHE A 1 7  ? -0.183  -4.457  5.756   1.00 0.00 ? 3  PHE A HE2  1 
ATOM 113 H HZ   . PHE A 1 7  ? 0.427   -2.679  4.175   1.00 0.00 ? 3  PHE A HZ   1 
ATOM 114 N N    . PRO A 1 8  ? -7.696  -1.985  5.618   1.00 0.00 ? 4  PRO A N    1 
ATOM 115 C CA   . PRO A 1 8  ? -7.520  -2.051  4.156   1.00 0.00 ? 4  PRO A CA   1 
ATOM 116 C C    . PRO A 1 8  ? -7.207  -0.666  3.564   1.00 0.00 ? 4  PRO A C    1 
ATOM 117 O O    . PRO A 1 8  ? -7.667  0.350   4.064   1.00 0.00 ? 4  PRO A O    1 
ATOM 118 C CB   . PRO A 1 8  ? -8.872  -2.552  3.627   1.00 0.00 ? 4  PRO A CB   1 
ATOM 119 C CG   . PRO A 1 8  ? -9.855  -2.603  4.840   1.00 0.00 ? 4  PRO A CG   1 
ATOM 120 C CD   . PRO A 1 8  ? -9.057  -2.195  6.091   1.00 0.00 ? 4  PRO A CD   1 
ATOM 121 H HA   . PRO A 1 8  ? -6.724  -2.747  3.913   1.00 0.00 ? 4  PRO A HA   1 
ATOM 122 H HB2  . PRO A 1 8  ? -9.249  -1.882  2.869   1.00 0.00 ? 4  PRO A HB2  1 
ATOM 123 H HB3  . PRO A 1 8  ? -8.748  -3.539  3.210   1.00 0.00 ? 4  PRO A HB3  1 
ATOM 124 H HG2  . PRO A 1 8  ? -10.674 -1.916  4.682   1.00 0.00 ? 4  PRO A HG2  1 
ATOM 125 H HG3  . PRO A 1 8  ? -10.242 -3.606  4.959   1.00 0.00 ? 4  PRO A HG3  1 
ATOM 126 H HD2  . PRO A 1 8  ? -9.444  -1.281  6.512   1.00 0.00 ? 4  PRO A HD2  1 
ATOM 127 H HD3  . PRO A 1 8  ? -9.070  -2.983  6.828   1.00 0.00 ? 4  PRO A HD3  1 
ATOM 128 N N    . PHE A 1 9  ? -6.440  -0.648  2.505   1.00 0.00 ? 5  PHE A N    1 
ATOM 129 C CA   . PHE A 1 9  ? -6.094  0.653   1.879   1.00 0.00 ? 5  PHE A CA   1 
ATOM 130 C C    . PHE A 1 9  ? -6.563  0.716   0.416   1.00 0.00 ? 5  PHE A C    1 
ATOM 131 O O    . PHE A 1 9  ? -7.029  -0.266  -0.131  1.00 0.00 ? 5  PHE A O    1 
ATOM 132 C CB   . PHE A 1 9  ? -4.569  0.833   1.984   1.00 0.00 ? 5  PHE A CB   1 
ATOM 133 C CG   . PHE A 1 9  ? -3.834  -0.050  0.980   1.00 0.00 ? 5  PHE A CG   1 
ATOM 134 C CD1  . PHE A 1 9  ? -3.486  -1.353  1.304   1.00 0.00 ? 5  PHE A CD1  1 
ATOM 135 C CD2  . PHE A 1 9  ? -3.418  0.473   -0.226  1.00 0.00 ? 5  PHE A CD2  1 
ATOM 136 C CE1  . PHE A 1 9  ? -2.727  -2.107  0.436   1.00 0.00 ? 5  PHE A CE1  1 
ATOM 137 C CE2  . PHE A 1 9  ? -2.662  -0.283  -1.089  1.00 0.00 ? 5  PHE A CE2  1 
ATOM 138 C CZ   . PHE A 1 9  ? -2.316  -1.571  -0.761  1.00 0.00 ? 5  PHE A CZ   1 
ATOM 139 H H    . PHE A 1 9  ? -6.110  -1.487  2.118   1.00 0.00 ? 5  PHE A H    1 
ATOM 140 H HA   . PHE A 1 9  ? -6.604  1.441   2.432   1.00 0.00 ? 5  PHE A HA   1 
ATOM 141 H HB2  . PHE A 1 9  ? -4.311  1.864   1.800   1.00 0.00 ? 5  PHE A HB2  1 
ATOM 142 H HB3  . PHE A 1 9  ? -4.246  0.564   2.979   1.00 0.00 ? 5  PHE A HB3  1 
ATOM 143 H HD1  . PHE A 1 9  ? -3.821  -1.784  2.232   1.00 0.00 ? 5  PHE A HD1  1 
ATOM 144 H HD2  . PHE A 1 9  ? -3.682  1.487   -0.490  1.00 0.00 ? 5  PHE A HD2  1 
ATOM 145 H HE1  . PHE A 1 9  ? -2.453  -3.122  0.699   1.00 0.00 ? 5  PHE A HE1  1 
ATOM 146 H HE2  . PHE A 1 9  ? -2.337  0.138   -2.019  1.00 0.00 ? 5  PHE A HE2  1 
ATOM 147 H HZ   . PHE A 1 9  ? -1.718  -2.160  -1.441  1.00 0.00 ? 5  PHE A HZ   1 
ATOM 148 N N    . ILE A 1 10 ? -6.430  1.875   -0.193  1.00 0.00 ? 6  ILE A N    1 
ATOM 149 C CA   . ILE A 1 10 ? -6.874  2.014   -1.622  1.00 0.00 ? 6  ILE A CA   1 
ATOM 150 C C    . ILE A 1 10 ? -5.736  2.401   -2.575  1.00 0.00 ? 6  ILE A C    1 
ATOM 151 O O    . ILE A 1 10 ? -5.566  3.561   -2.876  1.00 0.00 ? 6  ILE A O    1 
ATOM 152 C CB   . ILE A 1 10 ? -7.929  3.131   -1.663  1.00 0.00 ? 6  ILE A CB   1 
ATOM 153 C CG1  . ILE A 1 10 ? -8.902  2.978   -0.486  1.00 0.00 ? 6  ILE A CG1  1 
ATOM 154 C CG2  . ILE A 1 10 ? -8.703  3.018   -2.984  1.00 0.00 ? 6  ILE A CG2  1 
ATOM 155 C CD1  . ILE A 1 10 ? -10.203 3.737   -0.778  1.00 0.00 ? 6  ILE A CD1  1 
ATOM 156 H H    . ILE A 1 10 ? -6.046  2.642   0.288   1.00 0.00 ? 6  ILE A H    1 
ATOM 157 H HA   . ILE A 1 10 ? -7.302  1.072   -1.951  1.00 0.00 ? 6  ILE A HA   1 
ATOM 158 H HB   . ILE A 1 10 ? -7.427  4.097   -1.587  1.00 0.00 ? 6  ILE A HB   1 
ATOM 159 H HG12 . ILE A 1 10 ? -9.119  1.933   -0.329  1.00 0.00 ? 6  ILE A HG12 1 
ATOM 160 H HG13 . ILE A 1 10 ? -8.445  3.381   0.410   1.00 0.00 ? 6  ILE A HG13 1 
ATOM 161 H HG21 . ILE A 1 10 ? -8.034  2.708   -3.770  1.00 0.00 ? 6  ILE A HG21 1 
ATOM 162 H HG22 . ILE A 1 10 ? -9.494  2.291   -2.885  1.00 0.00 ? 6  ILE A HG22 1 
ATOM 163 H HG23 . ILE A 1 10 ? -9.131  3.977   -3.240  1.00 0.00 ? 6  ILE A HG23 1 
ATOM 164 H HD11 . ILE A 1 10 ? -9.983  4.655   -1.302  1.00 0.00 ? 6  ILE A HD11 1 
ATOM 165 H HD12 . ILE A 1 10 ? -10.853 3.126   -1.389  1.00 0.00 ? 6  ILE A HD12 1 
ATOM 166 H HD13 . ILE A 1 10 ? -10.705 3.969   0.148   1.00 0.00 ? 6  ILE A HD13 1 
ATOM 167 N N    . TYR A 1 11 ? -5.020  1.411   -3.081  1.00 0.00 ? 7  TYR A N    1 
ATOM 168 C CA   . TYR A 1 11 ? -3.885  1.707   -4.023  1.00 0.00 ? 7  TYR A CA   1 
ATOM 169 C C    . TYR A 1 11 ? -4.375  2.413   -5.288  1.00 0.00 ? 7  TYR A C    1 
ATOM 170 O O    . TYR A 1 11 ? -4.987  1.801   -6.135  1.00 0.00 ? 7  TYR A O    1 
ATOM 171 C CB   . TYR A 1 11 ? -3.250  0.367   -4.433  1.00 0.00 ? 7  TYR A CB   1 
ATOM 172 C CG   . TYR A 1 11 ? -1.853  0.577   -5.056  1.00 0.00 ? 7  TYR A CG   1 
ATOM 173 C CD1  . TYR A 1 11 ? -0.998  1.572   -4.611  1.00 0.00 ? 7  TYR A CD1  1 
ATOM 174 C CD2  . TYR A 1 11 ? -1.403  -0.282  -6.036  1.00 0.00 ? 7  TYR A CD2  1 
ATOM 175 C CE1  . TYR A 1 11 ? 0.273   1.690   -5.138  1.00 0.00 ? 7  TYR A CE1  1 
ATOM 176 C CE2  . TYR A 1 11 ? -0.131  -0.159  -6.555  1.00 0.00 ? 7  TYR A CE2  1 
ATOM 177 C CZ   . TYR A 1 11 ? 0.713   0.825   -6.110  1.00 0.00 ? 7  TYR A CZ   1 
ATOM 178 O OH   . TYR A 1 11 ? 1.991   0.935   -6.622  1.00 0.00 ? 7  TYR A OH   1 
ATOM 179 H H    . TYR A 1 11 ? -5.239  0.482   -2.856  1.00 0.00 ? 7  TYR A H    1 
ATOM 180 H HA   . TYR A 1 11 ? -3.166  2.339   -3.520  1.00 0.00 ? 7  TYR A HA   1 
ATOM 181 H HB2  . TYR A 1 11 ? -3.159  -0.270  -3.573  1.00 0.00 ? 7  TYR A HB2  1 
ATOM 182 H HB3  . TYR A 1 11 ? -3.881  -0.121  -5.155  1.00 0.00 ? 7  TYR A HB3  1 
ATOM 183 H HD1  . TYR A 1 11 ? -1.313  2.245   -3.837  1.00 0.00 ? 7  TYR A HD1  1 
ATOM 184 H HD2  . TYR A 1 11 ? -2.053  -1.056  -6.402  1.00 0.00 ? 7  TYR A HD2  1 
ATOM 185 H HE1  . TYR A 1 11 ? 0.928   2.457   -4.778  1.00 0.00 ? 7  TYR A HE1  1 
ATOM 186 H HE2  . TYR A 1 11 ? 0.209   -0.850  -7.306  1.00 0.00 ? 7  TYR A HE2  1 
ATOM 187 H HH   . TYR A 1 11 ? 2.602   1.036   -5.882  1.00 0.00 ? 7  TYR A HH   1 
ATOM 188 N N    . GLY A 1 12 ? -4.099  3.693   -5.389  1.00 0.00 ? 8  GLY A N    1 
ATOM 189 C CA   . GLY A 1 12 ? -4.545  4.453   -6.599  1.00 0.00 ? 8  GLY A CA   1 
ATOM 190 C C    . GLY A 1 12 ? -5.994  4.116   -6.941  1.00 0.00 ? 8  GLY A C    1 
ATOM 191 O O    . GLY A 1 12 ? -6.390  4.168   -8.084  1.00 0.00 ? 8  GLY A O    1 
ATOM 192 H H    . GLY A 1 12 ? -3.612  4.148   -4.677  1.00 0.00 ? 8  GLY A H    1 
ATOM 193 H HA2  . GLY A 1 12 ? -4.464  5.510   -6.409  1.00 0.00 ? 8  GLY A HA2  1 
ATOM 194 H HA3  . GLY A 1 12 ? -3.916  4.193   -7.436  1.00 0.00 ? 8  GLY A HA3  1 
ATOM 195 N N    . GLY A 1 13 ? -6.761  3.775   -5.937  1.00 0.00 ? 9  GLY A N    1 
ATOM 196 C CA   . GLY A 1 13 ? -8.203  3.428   -6.207  1.00 0.00 ? 9  GLY A CA   1 
ATOM 197 C C    . GLY A 1 13 ? -8.343  1.956   -6.630  1.00 0.00 ? 9  GLY A C    1 
ATOM 198 O O    . GLY A 1 13 ? -9.250  1.603   -7.352  1.00 0.00 ? 9  GLY A O    1 
ATOM 199 H H    . GLY A 1 13 ? -6.393  3.758   -5.013  1.00 0.00 ? 9  GLY A H    1 
ATOM 200 H HA2  . GLY A 1 13 ? -8.790  3.605   -5.328  1.00 0.00 ? 9  GLY A HA2  1 
ATOM 201 H HA3  . GLY A 1 13 ? -8.572  4.057   -7.005  1.00 0.00 ? 9  GLY A HA3  1 
ATOM 202 N N    . LYS A 1 14 ? -7.444  1.129   -6.164  1.00 0.00 ? 10 LYS A N    1 
ATOM 203 C CA   . LYS A 1 14 ? -7.504  -0.323  -6.528  1.00 0.00 ? 10 LYS A CA   1 
ATOM 204 C C    . LYS A 1 14 ? -7.933  -1.192  -5.338  1.00 0.00 ? 10 LYS A C    1 
ATOM 205 O O    . LYS A 1 14 ? -8.446  -2.276  -5.523  1.00 0.00 ? 10 LYS A O    1 
ATOM 206 C CB   . LYS A 1 14 ? -6.090  -0.742  -6.970  1.00 0.00 ? 10 LYS A CB   1 
ATOM 207 C CG   . LYS A 1 14 ? -6.068  -2.233  -7.316  1.00 0.00 ? 10 LYS A CG   1 
ATOM 208 C CD   . LYS A 1 14 ? -5.000  -2.479  -8.395  1.00 0.00 ? 10 LYS A CD   1 
ATOM 209 C CE   . LYS A 1 14 ? -4.954  -3.972  -8.749  1.00 0.00 ? 10 LYS A CE   1 
ATOM 210 N NZ   . LYS A 1 14 ? -5.334  -4.171  -10.181 1.00 0.00 ? 10 LYS A NZ   1 
ATOM 211 H H    . LYS A 1 14 ? -6.722  1.462   -5.590  1.00 0.00 ? 10 LYS A H    1 
ATOM 212 H HA   . LYS A 1 14 ? -8.217  -0.458  -7.340  1.00 0.00 ? 10 LYS A HA   1 
ATOM 213 H HB2  . LYS A 1 14 ? -5.798  -0.163  -7.834  1.00 0.00 ? 10 LYS A HB2  1 
ATOM 214 H HB3  . LYS A 1 14 ? -5.398  -0.549  -6.170  1.00 0.00 ? 10 LYS A HB3  1 
ATOM 215 H HG2  . LYS A 1 14 ? -5.831  -2.806  -6.428  1.00 0.00 ? 10 LYS A HG2  1 
ATOM 216 H HG3  . LYS A 1 14 ? -7.039  -2.538  -7.686  1.00 0.00 ? 10 LYS A HG3  1 
ATOM 217 H HD2  . LYS A 1 14 ? -5.240  -1.904  -9.278  1.00 0.00 ? 10 LYS A HD2  1 
ATOM 218 H HD3  . LYS A 1 14 ? -4.034  -2.166  -8.026  1.00 0.00 ? 10 LYS A HD3  1 
ATOM 219 H HE2  . LYS A 1 14 ? -3.954  -4.350  -8.591  1.00 0.00 ? 10 LYS A HE2  1 
ATOM 220 H HE3  . LYS A 1 14 ? -5.642  -4.517  -8.116  1.00 0.00 ? 10 LYS A HE3  1 
ATOM 221 H HZ1  . LYS A 1 14 ? -4.743  -3.564  -10.785 1.00 0.00 ? 10 LYS A HZ1  1 
ATOM 222 H HZ2  . LYS A 1 14 ? -5.193  -5.169  -10.445 1.00 0.00 ? 10 LYS A HZ2  1 
ATOM 223 H HZ3  . LYS A 1 14 ? -6.335  -3.916  -10.308 1.00 0.00 ? 10 LYS A HZ3  1 
ATOM 224 N N    . LYS A 1 15 ? -7.700  -0.689  -4.147  1.00 0.00 ? 11 LYS A N    1 
ATOM 225 C CA   . LYS A 1 15 ? -8.078  -1.450  -2.903  1.00 0.00 ? 11 LYS A CA   1 
ATOM 226 C C    . LYS A 1 15 ? -7.160  -2.658  -2.669  1.00 0.00 ? 11 LYS A C    1 
ATOM 227 O O    . LYS A 1 15 ? -6.970  -3.488  -3.537  1.00 0.00 ? 11 LYS A O    1 
ATOM 228 C CB   . LYS A 1 15 ? -9.535  -1.949  -3.018  1.00 0.00 ? 11 LYS A CB   1 
ATOM 229 C CG   . LYS A 1 15 ? -10.468 -0.759  -3.258  1.00 0.00 ? 11 LYS A CG   1 
ATOM 230 C CD   . LYS A 1 15 ? -11.921 -1.240  -3.168  1.00 0.00 ? 11 LYS A CD   1 
ATOM 231 C CE   . LYS A 1 15 ? -12.864 -0.089  -3.530  1.00 0.00 ? 11 LYS A CE   1 
ATOM 232 N NZ   . LYS A 1 15 ? -13.043 -0.012  -5.012  1.00 0.00 ? 11 LYS A NZ   1 
ATOM 233 H H    . LYS A 1 15 ? -7.272  0.186   -4.071  1.00 0.00 ? 11 LYS A H    1 
ATOM 234 H HA   . LYS A 1 15 ? -7.978  -0.783  -2.052  1.00 0.00 ? 11 LYS A HA   1 
ATOM 235 H HB2  . LYS A 1 15 ? -9.618  -2.647  -3.833  1.00 0.00 ? 11 LYS A HB2  1 
ATOM 236 H HB3  . LYS A 1 15 ? -9.816  -2.449  -2.102  1.00 0.00 ? 11 LYS A HB3  1 
ATOM 237 H HG2  . LYS A 1 15 ? -10.288 0.000   -2.509  1.00 0.00 ? 11 LYS A HG2  1 
ATOM 238 H HG3  . LYS A 1 15 ? -10.280 -0.342  -4.239  1.00 0.00 ? 11 LYS A HG3  1 
ATOM 239 H HD2  . LYS A 1 15 ? -12.075 -2.063  -3.852  1.00 0.00 ? 11 LYS A HD2  1 
ATOM 240 H HD3  . LYS A 1 15 ? -12.130 -1.576  -2.162  1.00 0.00 ? 11 LYS A HD3  1 
ATOM 241 H HE2  . LYS A 1 15 ? -13.829 -0.250  -3.064  1.00 0.00 ? 11 LYS A HE2  1 
ATOM 242 H HE3  . LYS A 1 15 ? -12.451 0.845   -3.172  1.00 0.00 ? 11 LYS A HE3  1 
ATOM 243 H HZ1  . LYS A 1 15 ? -12.387 -0.674  -5.475  1.00 0.00 ? 11 LYS A HZ1  1 
ATOM 244 H HZ2  . LYS A 1 15 ? -14.020 -0.262  -5.261  1.00 0.00 ? 11 LYS A HZ2  1 
ATOM 245 H HZ3  . LYS A 1 15 ? -12.840 0.956   -5.338  1.00 0.00 ? 11 LYS A HZ3  1 
ATOM 246 N N    . TYR A 1 16 ? -6.609  -2.719  -1.488  1.00 0.00 ? 12 TYR A N    1 
ATOM 247 C CA   . TYR A 1 16 ? -5.694  -3.847  -1.132  1.00 0.00 ? 12 TYR A CA   1 
ATOM 248 C C    . TYR A 1 16 ? -5.593  -3.961  0.396   1.00 0.00 ? 12 TYR A C    1 
ATOM 249 O O    . TYR A 1 16 ? -5.998  -3.060  1.112   1.00 0.00 ? 12 TYR A O    1 
ATOM 250 C CB   . TYR A 1 16 ? -4.278  -3.528  -1.679  1.00 0.00 ? 12 TYR A CB   1 
ATOM 251 C CG   . TYR A 1 16 ? -4.056  -4.145  -3.071  1.00 0.00 ? 12 TYR A CG   1 
ATOM 252 C CD1  . TYR A 1 16 ? -4.328  -5.475  -3.313  1.00 0.00 ? 12 TYR A CD1  1 
ATOM 253 C CD2  . TYR A 1 16 ? -3.562  -3.370  -4.105  1.00 0.00 ? 12 TYR A CD2  1 
ATOM 254 C CE1  . TYR A 1 16 ? -4.115  -6.018  -4.566  1.00 0.00 ? 12 TYR A CE1  1 
ATOM 255 C CE2  . TYR A 1 16 ? -3.350  -3.914  -5.354  1.00 0.00 ? 12 TYR A CE2  1 
ATOM 256 C CZ   . TYR A 1 16 ? -3.623  -5.240  -5.594  1.00 0.00 ? 12 TYR A CZ   1 
ATOM 257 O OH   . TYR A 1 16 ? -3.404  -5.781  -6.844  1.00 0.00 ? 12 TYR A OH   1 
ATOM 258 H H    . TYR A 1 16 ? -6.798  -2.019  -0.824  1.00 0.00 ? 12 TYR A H    1 
ATOM 259 H HA   . TYR A 1 16 ? -6.081  -4.778  -1.540  1.00 0.00 ? 12 TYR A HA   1 
ATOM 260 H HB2  . TYR A 1 16 ? -4.159  -2.459  -1.749  1.00 0.00 ? 12 TYR A HB2  1 
ATOM 261 H HB3  . TYR A 1 16 ? -3.533  -3.921  -1.002  1.00 0.00 ? 12 TYR A HB3  1 
ATOM 262 H HD1  . TYR A 1 16 ? -4.689  -6.100  -2.515  1.00 0.00 ? 12 TYR A HD1  1 
ATOM 263 H HD2  . TYR A 1 16 ? -3.312  -2.336  -3.925  1.00 0.00 ? 12 TYR A HD2  1 
ATOM 264 H HE1  . TYR A 1 16 ? -4.333  -7.060  -4.743  1.00 0.00 ? 12 TYR A HE1  1 
ATOM 265 H HE2  . TYR A 1 16 ? -2.969  -3.294  -6.150  1.00 0.00 ? 12 TYR A HE2  1 
ATOM 266 H HH   . TYR A 1 16 ? -2.595  -6.302  -6.801  1.00 0.00 ? 12 TYR A HH   1 
ATOM 267 N N    . GLU A 1 17 ? -5.061  -5.051  0.870   1.00 0.00 ? 13 GLU A N    1 
ATOM 268 C CA   . GLU A 1 17 ? -4.933  -5.219  2.343   1.00 0.00 ? 13 GLU A CA   1 
ATOM 269 C C    . GLU A 1 17 ? -3.462  -5.362  2.705   1.00 0.00 ? 13 GLU A C    1 
ATOM 270 O O    . GLU A 1 17 ? -2.814  -4.401  3.050   1.00 0.00 ? 13 GLU A O    1 
ATOM 271 C CB   . GLU A 1 17 ? -5.703  -6.489  2.761   1.00 0.00 ? 13 GLU A CB   1 
ATOM 272 C CG   . GLU A 1 17 ? -7.203  -6.161  2.852   1.00 0.00 ? 13 GLU A CG   1 
ATOM 273 C CD   . GLU A 1 17 ? -7.622  -6.053  4.322   1.00 0.00 ? 13 GLU A CD   1 
ATOM 274 O OE1  . GLU A 1 17 ? -7.181  -5.101  4.945   1.00 0.00 ? 13 GLU A OE1  1 
ATOM 275 O OE2  . GLU A 1 17 ? -8.363  -6.927  4.736   1.00 0.00 ? 13 GLU A OE2  1 
ATOM 276 H H    . GLU A 1 17 ? -4.750  -5.755  0.264   1.00 0.00 ? 13 GLU A H    1 
ATOM 277 H HA   . GLU A 1 17 ? -5.332  -4.329  2.844   1.00 0.00 ? 13 GLU A HA   1 
ATOM 278 H HB2  . GLU A 1 17 ? -5.545  -7.269  2.030   1.00 0.00 ? 13 GLU A HB2  1 
ATOM 279 H HB3  . GLU A 1 17 ? -5.347  -6.829  3.724   1.00 0.00 ? 13 GLU A HB3  1 
ATOM 280 H HG2  . GLU A 1 17 ? -7.404  -5.221  2.359   1.00 0.00 ? 13 GLU A HG2  1 
ATOM 281 H HG3  . GLU A 1 17 ? -7.778  -6.941  2.375   1.00 0.00 ? 13 GLU A HG3  1 
ATOM 282 N N    . THR A 1 18 ? -2.954  -6.555  2.592   1.00 0.00 ? 14 THR A N    1 
ATOM 283 C CA   . THR A 1 18 ? -1.520  -6.765  2.928   1.00 0.00 ? 14 THR A CA   1 
ATOM 284 C C    . THR A 1 18 ? -0.651  -6.155  1.833   1.00 0.00 ? 14 THR A C    1 
ATOM 285 O O    . THR A 1 18 ? -1.151  -5.454  0.974   1.00 0.00 ? 14 THR A O    1 
ATOM 286 C CB   . THR A 1 18 ? -1.244  -8.278  3.010   1.00 0.00 ? 14 THR A CB   1 
ATOM 287 O OG1  . THR A 1 18 ? -1.863  -8.841  1.869   1.00 0.00 ? 14 THR A OG1  1 
ATOM 288 C CG2  . THR A 1 18 ? -1.989  -8.907  4.193   1.00 0.00 ? 14 THR A CG2  1 
ATOM 289 H H    . THR A 1 18 ? -3.504  -7.298  2.268   1.00 0.00 ? 14 THR A H    1 
ATOM 290 H HA   . THR A 1 18 ? -1.298  -6.274  3.875   1.00 0.00 ? 14 THR A HA   1 
ATOM 291 H HB   . THR A 1 18 ? -0.180  -8.497  3.018   1.00 0.00 ? 14 THR A HB   1 
ATOM 292 H HG1  . THR A 1 18 ? -1.374  -8.554  1.091   1.00 0.00 ? 14 THR A HG1  1 
ATOM 293 H HG21 . THR A 1 18 ? -3.042  -8.674  4.125   1.00 0.00 ? 14 THR A HG21 1 
ATOM 294 H HG22 . THR A 1 18 ? -1.861  -9.978  4.175   1.00 0.00 ? 14 THR A HG22 1 
ATOM 295 H HG23 . THR A 1 18 ? -1.598  -8.518  5.120   1.00 0.00 ? 14 THR A HG23 1 
ATOM 296 N N    . CYS A 1 19 ? 0.632   -6.413  1.875   1.00 0.00 ? 15 CYS A N    1 
ATOM 297 C CA   . CYS A 1 19 ? 1.514   -5.830  0.814   1.00 0.00 ? 15 CYS A CA   1 
ATOM 298 C C    . CYS A 1 19 ? 1.065   -6.306  -0.576  1.00 0.00 ? 15 CYS A C    1 
ATOM 299 O O    . CYS A 1 19 ? 0.149   -7.098  -0.690  1.00 0.00 ? 15 CYS A O    1 
ATOM 300 C CB   . CYS A 1 19 ? 2.970   -6.284  1.055   1.00 0.00 ? 15 CYS A CB   1 
ATOM 301 S SG   . CYS A 1 19 ? 3.683   -5.998  2.699   1.00 0.00 ? 15 CYS A SG   1 
ATOM 302 H H    . CYS A 1 19 ? 1.006   -6.972  2.588   1.00 0.00 ? 15 CYS A H    1 
ATOM 303 H HA   . CYS A 1 19 ? 1.433   -4.748  0.855   1.00 0.00 ? 15 CYS A HA   1 
ATOM 304 H HB2  . CYS A 1 19 ? 3.030   -7.344  0.853   1.00 0.00 ? 15 CYS A HB2  1 
ATOM 305 H HB3  . CYS A 1 19 ? 3.599   -5.781  0.337   1.00 0.00 ? 15 CYS A HB3  1 
ATOM 306 N N    . THR A 1 20 ? 1.720   -5.827  -1.610  1.00 0.00 ? 16 THR A N    1 
ATOM 307 C CA   . THR A 1 20 ? 1.311   -6.268  -3.005  1.00 0.00 ? 16 THR A CA   1 
ATOM 308 C C    . THR A 1 20 ? 2.385   -5.953  -4.061  1.00 0.00 ? 16 THR A C    1 
ATOM 309 O O    . THR A 1 20 ? 2.840   -4.835  -4.177  1.00 0.00 ? 16 THR A O    1 
ATOM 310 C CB   . THR A 1 20 ? 0.003   -5.539  -3.405  1.00 0.00 ? 16 THR A CB   1 
ATOM 311 O OG1  . THR A 1 20 ? -0.202  -5.879  -4.762  1.00 0.00 ? 16 THR A OG1  1 
ATOM 312 C CG2  . THR A 1 20 ? 0.187   -4.016  -3.434  1.00 0.00 ? 16 THR A CG2  1 
ATOM 313 H H    . THR A 1 20 ? 2.483   -5.207  -1.474  1.00 0.00 ? 16 THR A H    1 
ATOM 314 H HA   . THR A 1 20 ? 1.151   -7.345  -2.991  1.00 0.00 ? 16 THR A HA   1 
ATOM 315 H HB   . THR A 1 20 ? -0.850  -5.855  -2.795  1.00 0.00 ? 16 THR A HB   1 
ATOM 316 H HG1  . THR A 1 20 ? -0.734  -5.180  -5.163  1.00 0.00 ? 16 THR A HG1  1 
ATOM 317 H HG21 . THR A 1 20 ? 0.707   -3.694  -2.544  1.00 0.00 ? 16 THR A HG21 1 
ATOM 318 H HG22 . THR A 1 20 ? 0.762   -3.736  -4.302  1.00 0.00 ? 16 THR A HG22 1 
ATOM 319 H HG23 . THR A 1 20 ? -0.778  -3.533  -3.476  1.00 0.00 ? 16 THR A HG23 1 
ATOM 320 N N    . LYS A 1 21 ? 2.796   -6.964  -4.793  1.00 0.00 ? 17 LYS A N    1 
ATOM 321 C CA   . LYS A 1 21 ? 3.828   -6.747  -5.835  1.00 0.00 ? 17 LYS A CA   1 
ATOM 322 C C    . LYS A 1 21 ? 3.298   -5.878  -6.969  1.00 0.00 ? 17 LYS A C    1 
ATOM 323 O O    . LYS A 1 21 ? 4.032   -5.115  -7.544  1.00 0.00 ? 17 LYS A O    1 
ATOM 324 C CB   . LYS A 1 21 ? 4.228   -8.120  -6.403  1.00 0.00 ? 17 LYS A CB   1 
ATOM 325 C CG   . LYS A 1 21 ? 5.675   -8.058  -6.901  1.00 0.00 ? 17 LYS A CG   1 
ATOM 326 C CD   . LYS A 1 21 ? 6.180   -9.486  -7.165  1.00 0.00 ? 17 LYS A CD   1 
ATOM 327 C CE   . LYS A 1 21 ? 5.436   -10.081 -8.367  1.00 0.00 ? 17 LYS A CE   1 
ATOM 328 N NZ   . LYS A 1 21 ? 4.271   -10.899 -7.903  1.00 0.00 ? 17 LYS A NZ   1 
ATOM 329 H H    . LYS A 1 21 ? 2.450   -7.862  -4.633  1.00 0.00 ? 17 LYS A H    1 
ATOM 330 H HA   . LYS A 1 21 ? 4.680   -6.249  -5.389  1.00 0.00 ? 17 LYS A HA   1 
ATOM 331 H HB2  . LYS A 1 21 ? 4.145   -8.867  -5.626  1.00 0.00 ? 17 LYS A HB2  1 
ATOM 332 H HB3  . LYS A 1 21 ? 3.570   -8.381  -7.219  1.00 0.00 ? 17 LYS A HB3  1 
ATOM 333 H HG2  . LYS A 1 21 ? 5.724   -7.479  -7.812  1.00 0.00 ? 17 LYS A HG2  1 
ATOM 334 H HG3  . LYS A 1 21 ? 6.295   -7.586  -6.150  1.00 0.00 ? 17 LYS A HG3  1 
ATOM 335 H HD2  . LYS A 1 21 ? 7.239   -9.462  -7.373  1.00 0.00 ? 17 LYS A HD2  1 
ATOM 336 H HD3  . LYS A 1 21 ? 6.008   -10.101 -6.291  1.00 0.00 ? 17 LYS A HD3  1 
ATOM 337 H HE2  . LYS A 1 21 ? 5.080   -9.282  -9.005  1.00 0.00 ? 17 LYS A HE2  1 
ATOM 338 H HE3  . LYS A 1 21 ? 6.110   -10.710 -8.935  1.00 0.00 ? 17 LYS A HE3  1 
ATOM 339 H HZ1  . LYS A 1 21 ? 3.971   -10.569 -6.961  1.00 0.00 ? 17 LYS A HZ1  1 
ATOM 340 H HZ2  . LYS A 1 21 ? 3.479   -10.797 -8.578  1.00 0.00 ? 17 LYS A HZ2  1 
ATOM 341 H HZ3  . LYS A 1 21 ? 4.550   -11.903 -7.846  1.00 0.00 ? 17 LYS A HZ3  1 
ATOM 342 N N    . ILE A 1 22 ? 2.034   -6.018  -7.271  1.00 0.00 ? 18 ILE A N    1 
ATOM 343 C CA   . ILE A 1 22 ? 1.436   -5.211  -8.363  1.00 0.00 ? 18 ILE A CA   1 
ATOM 344 C C    . ILE A 1 22 ? 2.401   -5.053  -9.553  1.00 0.00 ? 18 ILE A C    1 
ATOM 345 O O    . ILE A 1 22 ? 2.494   -4.007  -10.163 1.00 0.00 ? 18 ILE A O    1 
ATOM 346 C CB   . ILE A 1 22 ? 1.059   -3.841  -7.776  1.00 0.00 ? 18 ILE A CB   1 
ATOM 347 C CG1  . ILE A 1 22 ? 0.216   -3.077  -8.784  1.00 0.00 ? 18 ILE A CG1  1 
ATOM 348 C CG2  . ILE A 1 22 ? 2.344   -3.026  -7.462  1.00 0.00 ? 18 ILE A CG2  1 
ATOM 349 C CD1  . ILE A 1 22 ? -1.170  -2.808  -8.187  1.00 0.00 ? 18 ILE A CD1  1 
ATOM 350 H H    . ILE A 1 22 ? 1.480   -6.631  -6.770  1.00 0.00 ? 18 ILE A H    1 
ATOM 351 H HA   . ILE A 1 22 ? 0.547   -5.728  -8.717  1.00 0.00 ? 18 ILE A HA   1 
ATOM 352 H HB   . ILE A 1 22 ? 0.473   -4.002  -6.868  1.00 0.00 ? 18 ILE A HB   1 
ATOM 353 H HG12 . ILE A 1 22 ? 0.698   -2.142  -9.028  1.00 0.00 ? 18 ILE A HG12 1 
ATOM 354 H HG13 . ILE A 1 22 ? 0.114   -3.665  -9.683  1.00 0.00 ? 18 ILE A HG13 1 
ATOM 355 H HG21 . ILE A 1 22 ? 3.045   -3.111  -8.275  1.00 0.00 ? 18 ILE A HG21 1 
ATOM 356 H HG22 . ILE A 1 22 ? 2.089   -1.985  -7.324  1.00 0.00 ? 18 ILE A HG22 1 
ATOM 357 H HG23 . ILE A 1 22 ? 2.802   -3.401  -6.559  1.00 0.00 ? 18 ILE A HG23 1 
ATOM 358 H HD11 . ILE A 1 22 ? -1.097  -2.730  -7.113  1.00 0.00 ? 18 ILE A HD11 1 
ATOM 359 H HD12 . ILE A 1 22 ? -1.565  -1.883  -8.585  1.00 0.00 ? 18 ILE A HD12 1 
ATOM 360 H HD13 . ILE A 1 22 ? -1.838  -3.618  -8.439  1.00 0.00 ? 18 ILE A HD13 1 
ATOM 361 N N    . GLY A 1 23 ? 3.079   -6.123  -9.867  1.00 0.00 ? 19 GLY A N    1 
ATOM 362 C CA   . GLY A 1 23 ? 4.047   -6.084  -11.008 1.00 0.00 ? 19 GLY A CA   1 
ATOM 363 C C    . GLY A 1 23 ? 5.406   -5.517  -10.569 1.00 0.00 ? 19 GLY A C    1 
ATOM 364 O O    . GLY A 1 23 ? 6.149   -5.001  -11.376 1.00 0.00 ? 19 GLY A O    1 
ATOM 365 H H    . GLY A 1 23 ? 2.939   -6.949  -9.366  1.00 0.00 ? 19 GLY A H    1 
ATOM 366 H HA2  . GLY A 1 23 ? 4.188   -7.085  -11.386 1.00 0.00 ? 19 GLY A HA2  1 
ATOM 367 H HA3  . GLY A 1 23 ? 3.644   -5.465  -11.792 1.00 0.00 ? 19 GLY A HA3  1 
ATOM 368 N N    . SER A 1 24 ? 5.694   -5.624  -9.298  1.00 0.00 ? 20 SER A N    1 
ATOM 369 C CA   . SER A 1 24 ? 6.995   -5.098  -8.789  1.00 0.00 ? 20 SER A CA   1 
ATOM 370 C C    . SER A 1 24 ? 8.134   -6.093  -9.068  1.00 0.00 ? 20 SER A C    1 
ATOM 371 O O    . SER A 1 24 ? 8.203   -6.656  -10.141 1.00 0.00 ? 20 SER A O    1 
ATOM 372 C CB   . SER A 1 24 ? 6.872   -4.856  -7.274  1.00 0.00 ? 20 SER A CB   1 
ATOM 373 O OG   . SER A 1 24 ? 8.046   -4.126  -6.952  1.00 0.00 ? 20 SER A OG   1 
ATOM 374 H H    . SER A 1 24 ? 5.054   -6.029  -8.686  1.00 0.00 ? 20 SER A H    1 
ATOM 375 H HA   . SER A 1 24 ? 7.218   -4.170  -9.307  1.00 0.00 ? 20 SER A HA   1 
ATOM 376 H HB2  . SER A 1 24 ? 5.989   -4.267  -7.045  1.00 0.00 ? 20 SER A HB2  1 
ATOM 377 H HB3  . SER A 1 24 ? 6.852   -5.789  -6.734  1.00 0.00 ? 20 SER A HB3  1 
ATOM 378 H HG   . SER A 1 24 ? 7.994   -3.263  -7.390  1.00 0.00 ? 20 SER A HG   1 
ATOM 379 N N    . MET A 1 25 ? 8.999   -6.317  -8.101  1.00 0.00 ? 21 MET A N    1 
ATOM 380 C CA   . MET A 1 25 ? 10.119  -7.279  -8.349  1.00 0.00 ? 21 MET A CA   1 
ATOM 381 C C    . MET A 1 25 ? 10.251  -8.315  -7.234  1.00 0.00 ? 21 MET A C    1 
ATOM 382 O O    . MET A 1 25 ? 10.750  -8.017  -6.169  1.00 0.00 ? 21 MET A O    1 
ATOM 383 C CB   . MET A 1 25 ? 11.427  -6.473  -8.433  1.00 0.00 ? 21 MET A CB   1 
ATOM 384 C CG   . MET A 1 25 ? 12.408  -7.202  -9.357  1.00 0.00 ? 21 MET A CG   1 
ATOM 385 S SD   . MET A 1 25 ? 11.806  -7.661  -11.004 1.00 0.00 ? 21 MET A SD   1 
ATOM 386 C CE   . MET A 1 25 ? 12.509  -9.330  -11.056 1.00 0.00 ? 21 MET A CE   1 
ATOM 387 H H    . MET A 1 25 ? 8.910   -5.864  -7.227  1.00 0.00 ? 21 MET A H    1 
ATOM 388 H HA   . MET A 1 25 ? 9.934   -7.799  -9.287  1.00 0.00 ? 21 MET A HA   1 
ATOM 389 H HB2  . MET A 1 25 ? 11.222  -5.487  -8.826  1.00 0.00 ? 21 MET A HB2  1 
ATOM 390 H HB3  . MET A 1 25 ? 11.860  -6.376  -7.446  1.00 0.00 ? 21 MET A HB3  1 
ATOM 391 H HG2  . MET A 1 25 ? 13.276  -6.573  -9.490  1.00 0.00 ? 21 MET A HG2  1 
ATOM 392 H HG3  . MET A 1 25 ? 12.731  -8.105  -8.861  1.00 0.00 ? 21 MET A HG3  1 
ATOM 393 H HE1  . MET A 1 25 ? 12.223  -9.870  -10.166 1.00 0.00 ? 21 MET A HE1  1 
ATOM 394 H HE2  . MET A 1 25 ? 12.138  -9.848  -11.927 1.00 0.00 ? 21 MET A HE2  1 
ATOM 395 H HE3  . MET A 1 25 ? 13.587  -9.266  -11.108 1.00 0.00 ? 21 MET A HE3  1 
ATOM 396 N N    . TRP A 1 26 ? 9.801   -9.524  -7.513  1.00 0.00 ? 23 TRP A N    1 
ATOM 397 C CA   . TRP A 1 26 ? 9.884   -10.620 -6.488  1.00 0.00 ? 23 TRP A CA   1 
ATOM 398 C C    . TRP A 1 26 ? 9.656   -10.095 -5.065  1.00 0.00 ? 23 TRP A C    1 
ATOM 399 O O    . TRP A 1 26 ? 10.261  -10.559 -4.132  1.00 0.00 ? 23 TRP A O    1 
ATOM 400 C CB   . TRP A 1 26 ? 11.303  -11.224 -6.575  1.00 0.00 ? 23 TRP A CB   1 
ATOM 401 C CG   . TRP A 1 26 ? 11.317  -12.635 -5.965  1.00 0.00 ? 23 TRP A CG   1 
ATOM 402 C CD1  . TRP A 1 26 ? 10.897  -13.731 -6.593  1.00 0.00 ? 23 TRP A CD1  1 
ATOM 403 C CD2  . TRP A 1 26 ? 11.781  -12.933 -4.764  1.00 0.00 ? 23 TRP A CD2  1 
ATOM 404 N NE1  . TRP A 1 26 ? 11.135  -14.715 -5.708  1.00 0.00 ? 23 TRP A NE1  1 
ATOM 405 C CE2  . TRP A 1 26 ? 11.696  -14.293 -4.525  1.00 0.00 ? 23 TRP A CE2  1 
ATOM 406 C CE3  . TRP A 1 26 ? 12.306  -12.097 -3.793  1.00 0.00 ? 23 TRP A CE3  1 
ATOM 407 C CZ2  . TRP A 1 26 ? 12.135  -14.815 -3.325  1.00 0.00 ? 23 TRP A CZ2  1 
ATOM 408 C CZ3  . TRP A 1 26 ? 12.746  -12.622 -2.593  1.00 0.00 ? 23 TRP A CZ3  1 
ATOM 409 C CH2  . TRP A 1 26 ? 12.661  -13.979 -2.359  1.00 0.00 ? 23 TRP A CH2  1 
ATOM 410 H H    . TRP A 1 26 ? 9.418   -9.709  -8.396  1.00 0.00 ? 23 TRP A H    1 
ATOM 411 H HA   . TRP A 1 26 ? 9.134   -11.374 -6.710  1.00 0.00 ? 23 TRP A HA   1 
ATOM 412 H HB2  . TRP A 1 26 ? 11.610  -11.283 -7.609  1.00 0.00 ? 23 TRP A HB2  1 
ATOM 413 H HB3  . TRP A 1 26 ? 11.999  -10.597 -6.037  1.00 0.00 ? 23 TRP A HB3  1 
ATOM 414 H HD1  . TRP A 1 26 ? 10.466  -13.810 -7.582  1.00 0.00 ? 23 TRP A HD1  1 
ATOM 415 H HE1  . TRP A 1 26 ? 10.928  -15.655 -5.890  1.00 0.00 ? 23 TRP A HE1  1 
ATOM 416 H HE3  . TRP A 1 26 ? 12.347  -11.028 -3.964  1.00 0.00 ? 23 TRP A HE3  1 
ATOM 417 H HZ2  . TRP A 1 26 ? 12.070  -15.877 -3.143  1.00 0.00 ? 23 TRP A HZ2  1 
ATOM 418 H HZ3  . TRP A 1 26 ? 13.158  -11.968 -1.836  1.00 0.00 ? 23 TRP A HZ3  1 
ATOM 419 H HH2  . TRP A 1 26 ? 13.005  -14.389 -1.419  1.00 0.00 ? 23 TRP A HH2  1 
ATOM 420 N N    . MET A 1 27 ? 8.771   -9.152  -4.920  1.00 0.00 ? 24 MET A N    1 
ATOM 421 C CA   . MET A 1 27 ? 8.520   -8.616  -3.575  1.00 0.00 ? 24 MET A CA   1 
ATOM 422 C C    . MET A 1 27 ? 7.158   -7.923  -3.557  1.00 0.00 ? 24 MET A C    1 
ATOM 423 O O    . MET A 1 27 ? 6.208   -8.439  -4.112  1.00 0.00 ? 24 MET A O    1 
ATOM 424 C CB   . MET A 1 27 ? 9.654   -7.609  -3.294  1.00 0.00 ? 24 MET A CB   1 
ATOM 425 C CG   . MET A 1 27 ? 9.721   -7.263  -1.808  1.00 0.00 ? 24 MET A CG   1 
ATOM 426 S SD   . MET A 1 27 ? 9.200   -8.531  -0.631  1.00 0.00 ? 24 MET A SD   1 
ATOM 427 C CE   . MET A 1 27 ? 7.622   -7.783  -0.181  1.00 0.00 ? 24 MET A CE   1 
ATOM 428 H H    . MET A 1 27 ? 8.277   -8.806  -5.685  1.00 0.00 ? 24 MET A H    1 
ATOM 429 H HA   . MET A 1 27 ? 8.523   -9.428  -2.852  1.00 0.00 ? 24 MET A HA   1 
ATOM 430 H HB2  . MET A 1 27 ? 10.582  -8.030  -3.601  1.00 0.00 ? 24 MET A HB2  1 
ATOM 431 H HB3  . MET A 1 27 ? 9.489   -6.724  -3.859  1.00 0.00 ? 24 MET A HB3  1 
ATOM 432 H HG2  . MET A 1 27 ? 10.744  -7.010  -1.577  1.00 0.00 ? 24 MET A HG2  1 
ATOM 433 H HG3  . MET A 1 27 ? 9.130   -6.383  -1.636  1.00 0.00 ? 24 MET A HG3  1 
ATOM 434 H HE1  . MET A 1 27 ? 7.621   -6.743  -0.469  1.00 0.00 ? 24 MET A HE1  1 
ATOM 435 H HE2  . MET A 1 27 ? 6.822   -8.303  -0.685  1.00 0.00 ? 24 MET A HE2  1 
ATOM 436 H HE3  . MET A 1 27 ? 7.483   -7.858  0.889   1.00 0.00 ? 24 MET A HE3  1 
ATOM 437 N N    . SER A 1 28 ? 7.088   -6.769  -2.951  1.00 0.00 ? 25 SER A N    1 
ATOM 438 C CA   . SER A 1 28 ? 5.786   -6.028  -2.892  1.00 0.00 ? 25 SER A CA   1 
ATOM 439 C C    . SER A 1 28 ? 5.902   -4.813  -1.988  1.00 0.00 ? 25 SER A C    1 
ATOM 440 O O    . SER A 1 28 ? 6.947   -4.555  -1.463  1.00 0.00 ? 25 SER A O    1 
ATOM 441 C CB   . SER A 1 28 ? 4.702   -6.961  -2.311  1.00 0.00 ? 25 SER A CB   1 
ATOM 442 O OG   . SER A 1 28 ? 4.986   -7.015  -0.923  1.00 0.00 ? 25 SER A OG   1 
ATOM 443 H H    . SER A 1 28 ? 7.889   -6.379  -2.557  1.00 0.00 ? 25 SER A H    1 
ATOM 444 H HA   . SER A 1 28 ? 5.526   -5.699  -3.888  1.00 0.00 ? 25 SER A HA   1 
ATOM 445 H HB2  . SER A 1 28 ? 3.733   -6.548  -2.463  1.00 0.00 ? 25 SER A HB2  1 
ATOM 446 H HB3  . SER A 1 28 ? 4.763   -7.944  -2.743  1.00 0.00 ? 25 SER A HB3  1 
ATOM 447 H HG   . SER A 1 28 ? 5.910   -6.769  -0.802  1.00 0.00 ? 25 SER A HG   1 
ATOM 448 N N    . TRP A 1 29 ? 4.815   -4.093  -1.818  1.00 0.00 ? 26 TRP A N    1 
ATOM 449 C CA   . TRP A 1 29 ? 4.848   -2.877  -0.935  1.00 0.00 ? 26 TRP A CA   1 
ATOM 450 C C    . TRP A 1 29 ? 3.587   -2.776  -0.075  1.00 0.00 ? 26 TRP A C    1 
ATOM 451 O O    . TRP A 1 29 ? 2.615   -3.472  -0.311  1.00 0.00 ? 26 TRP A O    1 
ATOM 452 C CB   . TRP A 1 29 ? 4.932   -1.647  -1.817  1.00 0.00 ? 26 TRP A CB   1 
ATOM 453 C CG   . TRP A 1 29 ? 3.697   -1.599  -2.680  1.00 0.00 ? 26 TRP A CG   1 
ATOM 454 C CD1  . TRP A 1 29 ? 3.535   -2.252  -3.825  1.00 0.00 ? 26 TRP A CD1  1 
ATOM 455 C CD2  . TRP A 1 29 ? 2.635   -0.914  -2.372  1.00 0.00 ? 26 TRP A CD2  1 
ATOM 456 N NE1  . TRP A 1 29 ? 2.287   -1.901  -4.190  1.00 0.00 ? 26 TRP A NE1  1 
ATOM 457 C CE2  . TRP A 1 29 ? 1.656   -1.050  -3.311  1.00 0.00 ? 26 TRP A CE2  1 
ATOM 458 C CE3  . TRP A 1 29 ? 2.430   -0.127  -1.264  1.00 0.00 ? 26 TRP A CE3  1 
ATOM 459 C CZ2  . TRP A 1 29 ? 0.466   -0.395  -3.141  1.00 0.00 ? 26 TRP A CZ2  1 
ATOM 460 C CZ3  . TRP A 1 29 ? 1.242   0.527   -1.097  1.00 0.00 ? 26 TRP A CZ3  1 
ATOM 461 C CH2  . TRP A 1 29 ? 0.261   0.396   -2.032  1.00 0.00 ? 26 TRP A CH2  1 
ATOM 462 H H    . TRP A 1 29 ? 3.987   -4.341  -2.278  1.00 0.00 ? 26 TRP A H    1 
ATOM 463 H HA   . TRP A 1 29 ? 5.695   -2.928  -0.288  1.00 0.00 ? 26 TRP A HA   1 
ATOM 464 H HB2  . TRP A 1 29 ? 4.969   -0.761  -1.209  1.00 0.00 ? 26 TRP A HB2  1 
ATOM 465 H HB3  . TRP A 1 29 ? 5.810   -1.692  -2.425  1.00 0.00 ? 26 TRP A HB3  1 
ATOM 466 H HD1  . TRP A 1 29 ? 4.192   -3.005  -4.277  1.00 0.00 ? 26 TRP A HD1  1 
ATOM 467 H HE1  . TRP A 1 29 ? 1.862   -2.228  -5.001  1.00 0.00 ? 26 TRP A HE1  1 
ATOM 468 H HE3  . TRP A 1 29 ? 3.207   -0.031  -0.520  1.00 0.00 ? 26 TRP A HE3  1 
ATOM 469 H HZ2  . TRP A 1 29 ? -0.303  -0.500  -3.867  1.00 0.00 ? 26 TRP A HZ2  1 
ATOM 470 H HZ3  . TRP A 1 29 ? 1.080   1.142   -0.231  1.00 0.00 ? 26 TRP A HZ3  1 
ATOM 471 H HH2  . TRP A 1 29 ? -0.668  0.924   -1.909  1.00 0.00 ? 26 TRP A HH2  1 
ATOM 472 N N    . CYS A 1 30 ? 3.633   -1.895  0.906   1.00 0.00 ? 27 CYS A N    1 
ATOM 473 C CA   . CYS A 1 30 ? 2.454   -1.711  1.815   1.00 0.00 ? 27 CYS A CA   1 
ATOM 474 C C    . CYS A 1 30 ? 1.977   -0.256  1.805   1.00 0.00 ? 27 CYS A C    1 
ATOM 475 O O    . CYS A 1 30 ? 2.741   0.647   1.514   1.00 0.00 ? 27 CYS A O    1 
ATOM 476 C CB   . CYS A 1 30 ? 2.881   -2.069  3.247   1.00 0.00 ? 27 CYS A CB   1 
ATOM 477 S SG   . CYS A 1 30 ? 2.135   -1.117  4.597   1.00 0.00 ? 27 CYS A SG   1 
ATOM 478 H H    . CYS A 1 30 ? 4.439   -1.345  1.030   1.00 0.00 ? 27 CYS A H    1 
ATOM 479 H HA   . CYS A 1 30 ? 1.640   -2.352  1.480   1.00 0.00 ? 27 CYS A HA   1 
ATOM 480 H HB2  . CYS A 1 30 ? 2.653   -3.111  3.415   1.00 0.00 ? 27 CYS A HB2  1 
ATOM 481 H HB3  . CYS A 1 30 ? 3.953   -1.952  3.317   1.00 0.00 ? 27 CYS A HB3  1 
ATOM 482 N N    . SER A 1 31 ? 0.729   -0.059  2.134   1.00 0.00 ? 28 SER A N    1 
ATOM 483 C CA   . SER A 1 31 ? 0.176   1.332   2.147   1.00 0.00 ? 28 SER A CA   1 
ATOM 484 C C    . SER A 1 31 ? 0.141   1.924   3.556   1.00 0.00 ? 28 SER A C    1 
ATOM 485 O O    . SER A 1 31 ? -0.433  1.348   4.465   1.00 0.00 ? 28 SER A O    1 
ATOM 486 C CB   . SER A 1 31 ? -1.256  1.274   1.610   1.00 0.00 ? 28 SER A CB   1 
ATOM 487 O OG   . SER A 1 31 ? -1.359  2.398   0.740   1.00 0.00 ? 28 SER A OG   1 
ATOM 488 H H    . SER A 1 31 ? 0.160   -0.818  2.371   1.00 0.00 ? 28 SER A H    1 
ATOM 489 H HA   . SER A 1 31 ? 0.796   1.965   1.514   1.00 0.00 ? 28 SER A HA   1 
ATOM 490 H HB2  . SER A 1 31 ? -1.413  0.361   1.059   1.00 0.00 ? 28 SER A HB2  1 
ATOM 491 H HB3  . SER A 1 31 ? -1.973  1.356   2.414   1.00 0.00 ? 28 SER A HB3  1 
ATOM 492 H HG   . SER A 1 31 ? -0.965  3.161   1.185   1.00 0.00 ? 28 SER A HG   1 
ATOM 493 N N    . LEU A 1 32 ? 0.745   3.081   3.701   1.00 0.00 ? 29 LEU A N    1 
ATOM 494 C CA   . LEU A 1 32 ? 0.769   3.749   5.033   1.00 0.00 ? 29 LEU A CA   1 
ATOM 495 C C    . LEU A 1 32 ? -0.602  4.342   5.355   1.00 0.00 ? 29 LEU A C    1 
ATOM 496 O O    . LEU A 1 32 ? -1.262  3.901   6.273   1.00 0.00 ? 29 LEU A O    1 
ATOM 497 C CB   . LEU A 1 32 ? 1.820   4.868   4.989   1.00 0.00 ? 29 LEU A CB   1 
ATOM 498 C CG   . LEU A 1 32 ? 3.219   4.239   4.947   1.00 0.00 ? 29 LEU A CG   1 
ATOM 499 C CD1  . LEU A 1 32 ? 4.211   5.254   4.382   1.00 0.00 ? 29 LEU A CD1  1 
ATOM 500 C CD2  . LEU A 1 32 ? 3.647   3.867   6.365   1.00 0.00 ? 29 LEU A CD2  1 
ATOM 501 H H    . LEU A 1 32 ? 1.169   3.509   2.932   1.00 0.00 ? 29 LEU A H    1 
ATOM 502 H HA   . LEU A 1 32 ? 1.018   3.010   5.792   1.00 0.00 ? 29 LEU A HA   1 
ATOM 503 H HB2  . LEU A 1 32 ? 1.670   5.474   4.108   1.00 0.00 ? 29 LEU A HB2  1 
ATOM 504 H HB3  . LEU A 1 32 ? 1.726   5.490   5.867   1.00 0.00 ? 29 LEU A HB3  1 
ATOM 505 H HG   . LEU A 1 32 ? 3.206   3.355   4.324   1.00 0.00 ? 29 LEU A HG   1 
ATOM 506 H HD11 . LEU A 1 32 ? 4.099   6.199   4.894   1.00 0.00 ? 29 LEU A HD11 1 
ATOM 507 H HD12 . LEU A 1 32 ? 5.220   4.894   4.518   1.00 0.00 ? 29 LEU A HD12 1 
ATOM 508 H HD13 . LEU A 1 32 ? 4.024   5.398   3.328   1.00 0.00 ? 29 LEU A HD13 1 
ATOM 509 H HD21 . LEU A 1 32 ? 3.599   4.739   7.001   1.00 0.00 ? 29 LEU A HD21 1 
ATOM 510 H HD22 . LEU A 1 32 ? 2.990   3.105   6.758   1.00 0.00 ? 29 LEU A HD22 1 
ATOM 511 H HD23 . LEU A 1 32 ? 4.659   3.491   6.354   1.00 0.00 ? 29 LEU A HD23 1 
ATOM 512 N N    . SER A 1 33 ? -1.012  5.340   4.601   1.00 0.00 ? 30 SER A N    1 
ATOM 513 C CA   . SER A 1 33 ? -2.347  5.946   4.873   1.00 0.00 ? 30 SER A CA   1 
ATOM 514 C C    . SER A 1 33 ? -3.431  5.062   4.258   1.00 0.00 ? 30 SER A C    1 
ATOM 515 O O    . SER A 1 33 ? -3.153  4.253   3.397   1.00 0.00 ? 30 SER A O    1 
ATOM 516 C CB   . SER A 1 33 ? -2.395  7.344   4.218   1.00 0.00 ? 30 SER A CB   1 
ATOM 517 O OG   . SER A 1 33 ? -2.139  7.097   2.843   1.00 0.00 ? 30 SER A OG   1 
ATOM 518 H H    . SER A 1 33 ? -0.444  5.689   3.872   1.00 0.00 ? 30 SER A H    1 
ATOM 519 H HA   . SER A 1 33 ? -2.504  6.006   5.949   1.00 0.00 ? 30 SER A HA   1 
ATOM 520 H HB2  . SER A 1 33 ? -3.366  7.794   4.340   1.00 0.00 ? 30 SER A HB2  1 
ATOM 521 H HB3  . SER A 1 33 ? -1.631  7.983   4.629   1.00 0.00 ? 30 SER A HB3  1 
ATOM 522 H HG   . SER A 1 33 ? -2.992  7.003   2.381   1.00 0.00 ? 30 SER A HG   1 
ATOM 523 N N    . PRO A 1 34 ? -4.654  5.207   4.734   1.00 0.00 ? 31 PRO A N    1 
ATOM 524 C CA   . PRO A 1 34 ? -5.779  4.410   4.218   1.00 0.00 ? 31 PRO A CA   1 
ATOM 525 C C    . PRO A 1 34 ? -5.903  4.545   2.694   1.00 0.00 ? 31 PRO A C    1 
ATOM 526 O O    . PRO A 1 34 ? -5.657  3.605   1.960   1.00 0.00 ? 31 PRO A O    1 
ATOM 527 C CB   . PRO A 1 34 ? -7.023  4.987   4.926   1.00 0.00 ? 31 PRO A CB   1 
ATOM 528 C CG   . PRO A 1 34 ? -6.535  6.118   5.884   1.00 0.00 ? 31 PRO A CG   1 
ATOM 529 C CD   . PRO A 1 34 ? -4.999  6.167   5.796   1.00 0.00 ? 31 PRO A CD   1 
ATOM 530 H HA   . PRO A 1 34 ? -5.630  3.363   4.479   1.00 0.00 ? 31 PRO A HA   1 
ATOM 531 H HB2  . PRO A 1 34 ? -7.714  5.388   4.199   1.00 0.00 ? 31 PRO A HB2  1 
ATOM 532 H HB3  . PRO A 1 34 ? -7.509  4.213   5.496   1.00 0.00 ? 31 PRO A HB3  1 
ATOM 533 H HG2  . PRO A 1 34 ? -6.952  7.067   5.577   1.00 0.00 ? 31 PRO A HG2  1 
ATOM 534 H HG3  . PRO A 1 34 ? -6.840  5.901   6.898   1.00 0.00 ? 31 PRO A HG3  1 
ATOM 535 H HD2  . PRO A 1 34 ? -4.666  7.157   5.534   1.00 0.00 ? 31 PRO A HD2  1 
ATOM 536 H HD3  . PRO A 1 34 ? -4.557  5.858   6.735   1.00 0.00 ? 31 PRO A HD3  1 
ATOM 537 N N    . ASN A 1 35 ? -6.287  5.703   2.241   1.00 0.00 ? 32 ASN A N    1 
ATOM 538 C CA   . ASN A 1 35 ? -6.419  5.890   0.775   1.00 0.00 ? 32 ASN A CA   1 
ATOM 539 C C    . ASN A 1 35 ? -5.037  6.136   0.205   1.00 0.00 ? 32 ASN A C    1 
ATOM 540 O O    . ASN A 1 35 ? -4.221  6.802   0.817   1.00 0.00 ? 32 ASN A O    1 
ATOM 541 C CB   . ASN A 1 35 ? -7.326  7.110   0.504   1.00 0.00 ? 32 ASN A CB   1 
ATOM 542 C CG   . ASN A 1 35 ? -7.229  7.525   -0.974  1.00 0.00 ? 32 ASN A CG   1 
ATOM 543 O OD1  . ASN A 1 35 ? -6.164  7.639   -1.532  1.00 0.00 ? 32 ASN A OD1  1 
ATOM 544 N ND2  . ASN A 1 35 ? -8.318  7.753   -1.637  1.00 0.00 ? 32 ASN A ND2  1 
ATOM 545 H H    . ASN A 1 35 ? -6.479  6.438   2.858   1.00 0.00 ? 32 ASN A H    1 
ATOM 546 H HA   . ASN A 1 35 ? -6.825  4.986   0.323   1.00 0.00 ? 32 ASN A HA   1 
ATOM 547 H HB2  . ASN A 1 35 ? -8.350  6.856   0.732   1.00 0.00 ? 32 ASN A HB2  1 
ATOM 548 H HB3  . ASN A 1 35 ? -7.024  7.931   1.122   1.00 0.00 ? 32 ASN A HB3  1 
ATOM 549 H HD21 . ASN A 1 35 ? -9.187  7.660   -1.200  1.00 0.00 ? 32 ASN A HD21 1 
ATOM 550 H HD22 . ASN A 1 35 ? -8.266  8.019   -2.578  1.00 0.00 ? 32 ASN A HD22 1 
ATOM 551 N N    . TYR A 1 36 ? -4.785  5.577   -0.934  1.00 0.00 ? 33 TYR A N    1 
ATOM 552 C CA   . TYR A 1 36 ? -3.462  5.764   -1.555  1.00 0.00 ? 33 TYR A CA   1 
ATOM 553 C C    . TYR A 1 36 ? -3.470  6.921   -2.535  1.00 0.00 ? 33 TYR A C    1 
ATOM 554 O O    . TYR A 1 36 ? -2.919  7.962   -2.267  1.00 0.00 ? 33 TYR A O    1 
ATOM 555 C CB   . TYR A 1 36 ? -3.129  4.473   -2.312  1.00 0.00 ? 33 TYR A CB   1 
ATOM 556 C CG   . TYR A 1 36 ? -1.741  4.546   -2.910  1.00 0.00 ? 33 TYR A CG   1 
ATOM 557 C CD1  . TYR A 1 36 ? -1.569  5.060   -4.175  1.00 0.00 ? 33 TYR A CD1  1 
ATOM 558 C CD2  . TYR A 1 36 ? -0.651  4.061   -2.232  1.00 0.00 ? 33 TYR A CD2  1 
ATOM 559 C CE1  . TYR A 1 36 ? -0.331  5.087   -4.752  1.00 0.00 ? 33 TYR A CE1  1 
ATOM 560 C CE2  . TYR A 1 36 ? 0.590   4.088   -2.814  1.00 0.00 ? 33 TYR A CE2  1 
ATOM 561 C CZ   . TYR A 1 36 ? 0.759   4.603   -4.082  1.00 0.00 ? 33 TYR A CZ   1 
ATOM 562 O OH   . TYR A 1 36 ? 1.995   4.617   -4.675  1.00 0.00 ? 33 TYR A OH   1 
ATOM 563 H H    . TYR A 1 36 ? -5.472  5.043   -1.385  1.00 0.00 ? 33 TYR A H    1 
ATOM 564 H HA   . TYR A 1 36 ? -2.729  5.963   -0.783  1.00 0.00 ? 33 TYR A HA   1 
ATOM 565 H HB2  . TYR A 1 36 ? -3.199  3.627   -1.650  1.00 0.00 ? 33 TYR A HB2  1 
ATOM 566 H HB3  . TYR A 1 36 ? -3.819  4.348   -3.106  1.00 0.00 ? 33 TYR A HB3  1 
ATOM 567 H HD1  . TYR A 1 36 ? -2.420  5.446   -4.717  1.00 0.00 ? 33 TYR A HD1  1 
ATOM 568 H HD2  . TYR A 1 36 ? -0.771  3.652   -1.236  1.00 0.00 ? 33 TYR A HD2  1 
ATOM 569 H HE1  . TYR A 1 36 ? -0.217  5.486   -5.742  1.00 0.00 ? 33 TYR A HE1  1 
ATOM 570 H HE2  . TYR A 1 36 ? 1.428   3.691   -2.285  1.00 0.00 ? 33 TYR A HE2  1 
ATOM 571 H HH   . TYR A 1 36 ? 2.623   4.231   -4.057  1.00 0.00 ? 33 TYR A HH   1 
ATOM 572 N N    . ASP A 1 37 ? -4.101  6.704   -3.653  1.00 0.00 ? 34 ASP A N    1 
ATOM 573 C CA   . ASP A 1 37 ? -4.173  7.767   -4.699  1.00 0.00 ? 34 ASP A CA   1 
ATOM 574 C C    . ASP A 1 37 ? -2.786  8.411   -4.980  1.00 0.00 ? 34 ASP A C    1 
ATOM 575 O O    . ASP A 1 37 ? -2.694  9.380   -5.704  1.00 0.00 ? 34 ASP A O    1 
ATOM 576 C CB   . ASP A 1 37 ? -5.153  8.837   -4.215  1.00 0.00 ? 34 ASP A CB   1 
ATOM 577 C CG   . ASP A 1 37 ? -5.547  9.742   -5.384  1.00 0.00 ? 34 ASP A CG   1 
ATOM 578 O OD1  . ASP A 1 37 ? -5.721  9.191   -6.462  1.00 0.00 ? 34 ASP A OD1  1 
ATOM 579 O OD2  . ASP A 1 37 ? -5.665  10.924  -5.132  1.00 0.00 ? 34 ASP A OD2  1 
ATOM 580 H H    . ASP A 1 37 ? -4.569  5.853   -3.784  1.00 0.00 ? 34 ASP A H    1 
ATOM 581 H HA   . ASP A 1 37 ? -4.529  7.317   -5.620  1.00 0.00 ? 34 ASP A HA   1 
ATOM 582 H HB2  . ASP A 1 37 ? -6.039  8.368   -3.818  1.00 0.00 ? 34 ASP A HB2  1 
ATOM 583 H HB3  . ASP A 1 37 ? -4.691  9.426   -3.445  1.00 0.00 ? 34 ASP A HB3  1 
ATOM 584 N N    . LYS A 1 38 ? -1.743  7.829   -4.392  1.00 0.00 ? 35 LYS A N    1 
ATOM 585 C CA   . LYS A 1 38 ? -0.335  8.339   -4.575  1.00 0.00 ? 35 LYS A CA   1 
ATOM 586 C C    . LYS A 1 38 ? 0.052   9.354   -3.506  1.00 0.00 ? 35 LYS A C    1 
ATOM 587 O O    . LYS A 1 38 ? 1.142   9.886   -3.530  1.00 0.00 ? 35 LYS A O    1 
ATOM 588 C CB   . LYS A 1 38 ? -0.168  8.976   -5.979  1.00 0.00 ? 35 LYS A CB   1 
ATOM 589 C CG   . LYS A 1 38 ? -0.733  8.023   -7.056  1.00 0.00 ? 35 LYS A CG   1 
ATOM 590 C CD   . LYS A 1 38 ? 0.379   7.099   -7.562  1.00 0.00 ? 35 LYS A CD   1 
ATOM 591 C CE   . LYS A 1 38 ? -0.245  5.962   -8.376  1.00 0.00 ? 35 LYS A CE   1 
ATOM 592 N NZ   . LYS A 1 38 ? 0.768   4.893   -8.639  1.00 0.00 ? 35 LYS A NZ   1 
ATOM 593 H H    . LYS A 1 38 ? -1.895  7.074   -3.799  1.00 0.00 ? 35 LYS A H    1 
ATOM 594 H HA   . LYS A 1 38 ? 0.339   7.491   -4.463  1.00 0.00 ? 35 LYS A HA   1 
ATOM 595 H HB2  . LYS A 1 38 ? -0.694  9.918   -6.016  1.00 0.00 ? 35 LYS A HB2  1 
ATOM 596 H HB3  . LYS A 1 38 ? 0.880   9.155   -6.169  1.00 0.00 ? 35 LYS A HB3  1 
ATOM 597 H HG2  . LYS A 1 38 ? -1.530  7.430   -6.638  1.00 0.00 ? 35 LYS A HG2  1 
ATOM 598 H HG3  . LYS A 1 38 ? -1.124  8.604   -7.882  1.00 0.00 ? 35 LYS A HG3  1 
ATOM 599 H HD2  . LYS A 1 38 ? 1.059   7.660   -8.186  1.00 0.00 ? 35 LYS A HD2  1 
ATOM 600 H HD3  . LYS A 1 38 ? 0.924   6.693   -6.722  1.00 0.00 ? 35 LYS A HD3  1 
ATOM 601 H HE2  . LYS A 1 38 ? -1.078  5.538   -7.828  1.00 0.00 ? 35 LYS A HE2  1 
ATOM 602 H HE3  . LYS A 1 38 ? -0.607  6.349   -9.320  1.00 0.00 ? 35 LYS A HE3  1 
ATOM 603 H HZ1  . LYS A 1 38 ? 1.626   5.084   -8.078  1.00 0.00 ? 35 LYS A HZ1  1 
ATOM 604 H HZ2  . LYS A 1 38 ? 0.376   3.965   -8.369  1.00 0.00 ? 35 LYS A HZ2  1 
ATOM 605 H HZ3  . LYS A 1 38 ? 1.012   4.886   -9.652  1.00 0.00 ? 35 LYS A HZ3  1 
ATOM 606 N N    . ASP A 1 39 ? -0.835  9.603   -2.589  1.00 0.00 ? 36 ASP A N    1 
ATOM 607 C CA   . ASP A 1 39 ? -0.519  10.579  -1.512  1.00 0.00 ? 36 ASP A CA   1 
ATOM 608 C C    . ASP A 1 39 ? 0.517   9.967   -0.557  1.00 0.00 ? 36 ASP A C    1 
ATOM 609 O O    . ASP A 1 39 ? 0.210   9.685   0.589   1.00 0.00 ? 36 ASP A O    1 
ATOM 610 C CB   . ASP A 1 39 ? -1.825  10.856  -0.731  1.00 0.00 ? 36 ASP A CB   1 
ATOM 611 C CG   . ASP A 1 39 ? -1.579  11.910  0.354   1.00 0.00 ? 36 ASP A CG   1 
ATOM 612 O OD1  . ASP A 1 39 ? -0.557  12.568  0.257   1.00 0.00 ? 36 ASP A OD1  1 
ATOM 613 O OD2  . ASP A 1 39 ? -2.415  11.983  1.241   1.00 0.00 ? 36 ASP A OD2  1 
ATOM 614 H H    . ASP A 1 39 ? -1.707  9.163   -2.612  1.00 0.00 ? 36 ASP A H    1 
ATOM 615 H HA   . ASP A 1 39 ? -0.118  11.489  -1.953  1.00 0.00 ? 36 ASP A HA   1 
ATOM 616 H HB2  . ASP A 1 39 ? -2.587  11.210  -1.405  1.00 0.00 ? 36 ASP A HB2  1 
ATOM 617 H HB3  . ASP A 1 39 ? -2.167  9.944   -0.263  1.00 0.00 ? 36 ASP A HB3  1 
ATOM 618 N N    . ARG A 1 40 ? 1.741   9.783   -1.052  1.00 0.00 ? 37 ARG A N    1 
ATOM 619 C CA   . ARG A 1 40 ? 2.830   9.184   -0.202  1.00 0.00 ? 37 ARG A CA   1 
ATOM 620 C C    . ARG A 1 40 ? 2.230   8.177   0.767   1.00 0.00 ? 37 ARG A C    1 
ATOM 621 O O    . ARG A 1 40 ? 2.708   7.992   1.871   1.00 0.00 ? 37 ARG A O    1 
ATOM 622 C CB   . ARG A 1 40 ? 3.570   10.315  0.583   1.00 0.00 ? 37 ARG A CB   1 
ATOM 623 C CG   . ARG A 1 40 ? 2.595   11.107  1.488   1.00 0.00 ? 37 ARG A CG   1 
ATOM 624 C CD   . ARG A 1 40 ? 2.541   10.473  2.892   1.00 0.00 ? 37 ARG A CD   1 
ATOM 625 N NE   . ARG A 1 40 ? 1.238   9.740   3.057   1.00 0.00 ? 37 ARG A NE   1 
ATOM 626 C CZ   . ARG A 1 40 ? 0.184   10.384  3.432   1.00 0.00 ? 37 ARG A CZ   1 
ATOM 627 N NH1  . ARG A 1 40 ? -0.394  11.150  2.594   1.00 0.00 ? 37 ARG A NH1  1 
ATOM 628 N NH2  . ARG A 1 40 ? -0.245  10.228  4.630   1.00 0.00 ? 37 ARG A NH2  1 
ATOM 629 H H    . ARG A 1 40 ? 1.934   10.044  -1.971  1.00 0.00 ? 37 ARG A H    1 
ATOM 630 H HA   . ARG A 1 40 ? 3.524   8.656   -0.856  1.00 0.00 ? 37 ARG A HA   1 
ATOM 631 H HB2  . ARG A 1 40 ? 4.347   9.876   1.191   1.00 0.00 ? 37 ARG A HB2  1 
ATOM 632 H HB3  . ARG A 1 40 ? 4.028   10.993  -0.123  1.00 0.00 ? 37 ARG A HB3  1 
ATOM 633 H HG2  . ARG A 1 40 ? 2.940   12.128  1.573   1.00 0.00 ? 37 ARG A HG2  1 
ATOM 634 H HG3  . ARG A 1 40 ? 1.620   11.113  1.054   1.00 0.00 ? 37 ARG A HG3  1 
ATOM 635 H HD2  . ARG A 1 40 ? 3.363   9.779   3.015   1.00 0.00 ? 37 ARG A HD2  1 
ATOM 636 H HD3  . ARG A 1 40 ? 2.615   11.245  3.646   1.00 0.00 ? 37 ARG A HD3  1 
ATOM 637 H HE   . ARG A 1 40 ? 1.183   8.770   2.870   1.00 0.00 ? 37 ARG A HE   1 
ATOM 638 H HH11 . ARG A 1 40 ? -0.026  11.236  1.669   1.00 0.00 ? 37 ARG A HH11 1 
ATOM 639 H HH12 . ARG A 1 40 ? -1.211  11.664  2.852   1.00 0.00 ? 37 ARG A HH12 1 
ATOM 640 H HH21 . ARG A 1 40 ? 0.237   9.616   5.249   1.00 0.00 ? 37 ARG A HH21 1 
ATOM 641 H HH22 . ARG A 1 40 ? -1.056  10.714  4.938   1.00 0.00 ? 37 ARG A HH22 1 
ATOM 642 N N    . ALA A 1 41 ? 1.217   7.496   0.302   1.00 0.00 ? 38 ALA A N    1 
ATOM 643 C CA   . ALA A 1 41 ? 0.554   6.496   1.168   1.00 0.00 ? 38 ALA A CA   1 
ATOM 644 C C    . ALA A 1 41 ? 1.218   5.130   1.169   1.00 0.00 ? 38 ALA A C    1 
ATOM 645 O O    . ALA A 1 41 ? 0.544   4.134   1.341   1.00 0.00 ? 38 ALA A O    1 
ATOM 646 C CB   . ALA A 1 41 ? -0.879  6.336   0.657   1.00 0.00 ? 38 ALA A CB   1 
ATOM 647 H H    . ALA A 1 41 ? 0.892   7.651   -0.629  1.00 0.00 ? 38 ALA A H    1 
ATOM 648 H HA   . ALA A 1 41 ? 0.551   6.868   2.172   1.00 0.00 ? 38 ALA A HA   1 
ATOM 649 H HB1  . ALA A 1 41 ? -1.373  7.298   0.646   1.00 0.00 ? 38 ALA A HB1  1 
ATOM 650 H HB2  . ALA A 1 41 ? -0.863  5.933   -0.343  1.00 0.00 ? 38 ALA A HB2  1 
ATOM 651 H HB3  . ALA A 1 41 ? -1.424  5.664   1.302   1.00 0.00 ? 38 ALA A HB3  1 
ATOM 652 N N    . TRP A 1 42 ? 2.503   5.067   0.975   1.00 0.00 ? 39 TRP A N    1 
ATOM 653 C CA   . TRP A 1 42 ? 3.116   3.718   0.984   1.00 0.00 ? 39 TRP A CA   1 
ATOM 654 C C    . TRP A 1 42 ? 4.621   3.686   1.226   1.00 0.00 ? 39 TRP A C    1 
ATOM 655 O O    . TRP A 1 42 ? 5.288   4.688   1.416   1.00 0.00 ? 39 TRP A O    1 
ATOM 656 C CB   . TRP A 1 42 ? 2.817   3.044   -0.357  1.00 0.00 ? 39 TRP A CB   1 
ATOM 657 C CG   . TRP A 1 42 ? 3.467   3.823   -1.500  1.00 0.00 ? 39 TRP A CG   1 
ATOM 658 C CD1  . TRP A 1 42 ? 3.413   5.143   -1.641  1.00 0.00 ? 39 TRP A CD1  1 
ATOM 659 C CD2  . TRP A 1 42 ? 4.095   3.265   -2.506  1.00 0.00 ? 39 TRP A CD2  1 
ATOM 660 N NE1  . TRP A 1 42 ? 4.059   5.354   -2.810  1.00 0.00 ? 39 TRP A NE1  1 
ATOM 661 C CE2  . TRP A 1 42 ? 4.517   4.207   -3.421  1.00 0.00 ? 39 TRP A CE2  1 
ATOM 662 C CE3  . TRP A 1 42 ? 4.303   1.923   -2.747  1.00 0.00 ? 39 TRP A CE3  1 
ATOM 663 C CZ2  . TRP A 1 42 ? 5.145   3.801   -4.581  1.00 0.00 ? 39 TRP A CZ2  1 
ATOM 664 C CZ3  . TRP A 1 42 ? 4.918   1.518   -3.902  1.00 0.00 ? 39 TRP A CZ3  1 
ATOM 665 C CH2  . TRP A 1 42 ? 5.345   2.453   -4.822  1.00 0.00 ? 39 TRP A CH2  1 
ATOM 666 H H    . TRP A 1 42 ? 3.041   5.876   0.855   1.00 0.00 ? 39 TRP A H    1 
ATOM 667 H HA   . TRP A 1 42 ? 2.648   3.150   1.780   1.00 0.00 ? 39 TRP A HA   1 
ATOM 668 H HB2  . TRP A 1 42 ? 3.204   2.040   -0.349  1.00 0.00 ? 39 TRP A HB2  1 
ATOM 669 H HB3  . TRP A 1 42 ? 1.750   3.011   -0.512  1.00 0.00 ? 39 TRP A HB3  1 
ATOM 670 H HD1  . TRP A 1 42 ? 2.840   5.850   -1.049  1.00 0.00 ? 39 TRP A HD1  1 
ATOM 671 H HE1  . TRP A 1 42 ? 4.203   6.248   -3.186  1.00 0.00 ? 39 TRP A HE1  1 
ATOM 672 H HE3  . TRP A 1 42 ? 4.019   1.189   -2.008  1.00 0.00 ? 39 TRP A HE3  1 
ATOM 673 H HZ2  . TRP A 1 42 ? 5.477   4.535   -5.300  1.00 0.00 ? 39 TRP A HZ2  1 
ATOM 674 H HZ3  . TRP A 1 42 ? 5.026   0.467   -4.108  1.00 0.00 ? 39 TRP A HZ3  1 
ATOM 675 H HH2  . TRP A 1 42 ? 5.840   2.132   -5.729  1.00 0.00 ? 39 TRP A HH2  1 
ATOM 676 N N    . LYS A 1 43 ? 5.086   2.479   1.195   1.00 0.00 ? 40 LYS A N    1 
ATOM 677 C CA   . LYS A 1 43 ? 6.509   2.154   1.393   1.00 0.00 ? 40 LYS A CA   1 
ATOM 678 C C    . LYS A 1 43 ? 6.705   0.812   0.730   1.00 0.00 ? 40 LYS A C    1 
ATOM 679 O O    . LYS A 1 43 ? 5.748   0.057   0.629   1.00 0.00 ? 40 LYS A O    1 
ATOM 680 C CB   . LYS A 1 43 ? 6.803   2.050   2.903   1.00 0.00 ? 40 LYS A CB   1 
ATOM 681 C CG   . LYS A 1 43 ? 6.080   0.823   3.480   1.00 0.00 ? 40 LYS A CG   1 
ATOM 682 C CD   . LYS A 1 43 ? 6.278   0.782   5.001   1.00 0.00 ? 40 LYS A CD   1 
ATOM 683 C CE   . LYS A 1 43 ? 7.442   -0.152  5.337   1.00 0.00 ? 40 LYS A CE   1 
ATOM 684 N NZ   . LYS A 1 43 ? 7.656   -0.190  6.816   1.00 0.00 ? 40 LYS A NZ   1 
ATOM 685 H H    . LYS A 1 43 ? 4.459   1.739   1.029   1.00 0.00 ? 40 LYS A H    1 
ATOM 686 H HA   . LYS A 1 43 ? 7.128   2.893   0.896   1.00 0.00 ? 40 LYS A HA   1 
ATOM 687 H HB2  . LYS A 1 43 ? 7.867   1.953   3.059   1.00 0.00 ? 40 LYS A HB2  1 
ATOM 688 H HB3  . LYS A 1 43 ? 6.455   2.943   3.400   1.00 0.00 ? 40 LYS A HB3  1 
ATOM 689 H HG2  . LYS A 1 43 ? 5.025   0.885   3.252   1.00 0.00 ? 40 LYS A HG2  1 
ATOM 690 H HG3  . LYS A 1 43 ? 6.483   -0.078  3.037   1.00 0.00 ? 40 LYS A HG3  1 
ATOM 691 H HD2  . LYS A 1 43 ? 6.491   1.775   5.367   1.00 0.00 ? 40 LYS A HD2  1 
ATOM 692 H HD3  . LYS A 1 43 ? 5.374   0.419   5.473   1.00 0.00 ? 40 LYS A HD3  1 
ATOM 693 H HE2  . LYS A 1 43 ? 7.222   -1.151  4.981   1.00 0.00 ? 40 LYS A HE2  1 
ATOM 694 H HE3  . LYS A 1 43 ? 8.345   0.204   4.855   1.00 0.00 ? 40 LYS A HE3  1 
ATOM 695 H HZ1  . LYS A 1 43 ? 6.734   -0.181  7.301   1.00 0.00 ? 40 LYS A HZ1  1 
ATOM 696 H HZ2  . LYS A 1 43 ? 8.176   -1.057  7.069   1.00 0.00 ? 40 LYS A HZ2  1 
ATOM 697 H HZ3  . LYS A 1 43 ? 8.209   0.644   7.106   1.00 0.00 ? 40 LYS A HZ3  1 
ATOM 698 N N    . TYR A 1 44 ? 7.880   0.488   0.279   1.00 0.00 ? 41 TYR A N    1 
ATOM 699 C CA   . TYR A 1 44 ? 7.971   -0.832  -0.354  1.00 0.00 ? 41 TYR A CA   1 
ATOM 700 C C    . TYR A 1 44 ? 7.961   -1.874  0.773   1.00 0.00 ? 41 TYR A C    1 
ATOM 701 O O    . TYR A 1 44 ? 8.275   -1.557  1.909   1.00 0.00 ? 41 TYR A O    1 
ATOM 702 C CB   . TYR A 1 44 ? 9.250   -0.944  -1.204  1.00 0.00 ? 41 TYR A CB   1 
ATOM 703 C CG   . TYR A 1 44 ? 9.075   -2.161  -2.127  1.00 0.00 ? 41 TYR A CG   1 
ATOM 704 C CD1  . TYR A 1 44 ? 8.076   -2.106  -3.088  1.00 0.00 ? 41 TYR A CD1  1 
ATOM 705 C CD2  . TYR A 1 44 ? 9.865   -3.291  -2.054  1.00 0.00 ? 41 TYR A CD2  1 
ATOM 706 C CE1  . TYR A 1 44 ? 7.863   -3.149  -3.952  1.00 0.00 ? 41 TYR A CE1  1 
ATOM 707 C CE2  . TYR A 1 44 ? 9.649   -4.338  -2.931  1.00 0.00 ? 41 TYR A CE2  1 
ATOM 708 C CZ   . TYR A 1 44 ? 8.643   -4.269  -3.884  1.00 0.00 ? 41 TYR A CZ   1 
ATOM 709 O OH   . TYR A 1 44 ? 8.429   -5.302  -4.757  1.00 0.00 ? 41 TYR A OH   1 
ATOM 710 H H    . TYR A 1 44 ? 8.652   1.088   0.354   1.00 0.00 ? 41 TYR A H    1 
ATOM 711 H HA   . TYR A 1 44 ? 7.081   -0.984  -0.966  1.00 0.00 ? 41 TYR A HA   1 
ATOM 712 H HB2  . TYR A 1 44 ? 9.384   -0.052  -1.798  1.00 0.00 ? 41 TYR A HB2  1 
ATOM 713 H HB3  . TYR A 1 44 ? 10.111  -1.091  -0.567  1.00 0.00 ? 41 TYR A HB3  1 
ATOM 714 H HD1  . TYR A 1 44 ? 7.467   -1.218  -3.168  1.00 0.00 ? 41 TYR A HD1  1 
ATOM 715 H HD2  . TYR A 1 44 ? 10.642  -3.372  -1.311  1.00 0.00 ? 41 TYR A HD2  1 
ATOM 716 H HE1  . TYR A 1 44 ? 7.056   -3.093  -4.682  1.00 0.00 ? 41 TYR A HE1  1 
ATOM 717 H HE2  . TYR A 1 44 ? 10.273  -5.211  -2.878  1.00 0.00 ? 41 TYR A HE2  1 
ATOM 718 H HH   . TYR A 1 44 ? 8.645   -4.986  -5.638  1.00 0.00 ? 41 TYR A HH   1 
ATOM 719 N N    . CYS A 1 45 ? 7.614   -3.079  0.455   1.00 0.00 ? 42 CYS A N    1 
ATOM 720 C CA   . CYS A 1 45 ? 7.576   -4.139  1.511   1.00 0.00 ? 42 CYS A CA   1 
ATOM 721 C C    . CYS A 1 45 ? 8.728   -5.128  1.370   1.00 0.00 ? 42 CYS A C    1 
ATOM 722 O O    . CYS A 1 45 ? 8.831   -5.962  2.257   1.00 0.00 ? 42 CYS A O    1 
ATOM 723 C CB   . CYS A 1 45 ? 6.222   -4.912  1.405   1.00 0.00 ? 42 CYS A CB   1 
ATOM 724 S SG   . CYS A 1 45 ? 4.861   -4.362  2.475   1.00 0.00 ? 42 CYS A SG   1 
ATOM 725 O OXT  . CYS A 1 45 ? 9.443   -4.995  0.394   1.00 0.00 ? 42 CYS A OXT  1 
ATOM 726 H H    . CYS A 1 45 ? 7.432   -3.300  -0.468  1.00 0.00 ? 42 CYS A H    1 
ATOM 727 H HA   . CYS A 1 45 ? 7.655   -3.657  2.476   1.00 0.00 ? 42 CYS A HA   1 
ATOM 728 H HB2  . CYS A 1 45 ? 5.865   -4.858  0.383   1.00 0.00 ? 42 CYS A HB2  1 
ATOM 729 H HB3  . CYS A 1 45 ? 6.410   -5.952  1.628   1.00 0.00 ? 42 CYS A HB3  1 
# 
